data_1RD4
#
_entry.id   1RD4
#
_cell.length_a   45.960
_cell.length_b   64.410
_cell.length_c   66.210
_cell.angle_alpha   74.21
_cell.angle_beta   90.00
_cell.angle_gamma   87.26
#
_symmetry.space_group_name_H-M   'P 1'
#
loop_
_entity.id
_entity.type
_entity.pdbx_description
1 polymer 'Integrin alpha-L'
2 non-polymer 1-ACETYL-4-(4-{4-[(2-ETHOXYPHENYL)THIO]-3-NITROPHENYL}PYRIDIN-2-YL)PIPERAZINE
#
_entity_poly.entity_id   1
_entity_poly.type   'polypeptide(L)'
_entity_poly.pdbx_seq_one_letter_code
;GAMSCIKGNVDLVFLFDGSMSLQPDEFQKILDFMKDVMKKLSNTSYQFAAVQFSTSYKTEFDFSDYVKRKDPDALLKHVK
HMLLLTNTFGAINYVATEVFREELGARPDATKVLIIITDGEATDSGNIDAAKDIIRYIIGIGKHFQTKESQETLHKFASK
PASEFVKILDTFEKLKDLFTELQKKIYVIEG
;
_entity_poly.pdbx_strand_id   A,B,C,D
#
# COMPACT_ATOMS: atom_id res chain seq x y z
N GLY A 8 23.29 43.97 -21.99
CA GLY A 8 22.18 43.52 -22.91
C GLY A 8 20.97 42.92 -22.21
N ASN A 9 20.15 42.20 -22.98
CA ASN A 9 18.95 41.60 -22.41
C ASN A 9 19.21 40.21 -21.83
N VAL A 10 18.38 39.79 -20.91
CA VAL A 10 18.56 38.47 -20.30
C VAL A 10 17.26 37.68 -20.17
N ASP A 11 17.22 36.50 -20.79
CA ASP A 11 16.04 35.65 -20.71
C ASP A 11 16.35 34.56 -19.70
N LEU A 12 15.65 34.62 -18.57
CA LEU A 12 15.86 33.67 -17.49
C LEU A 12 14.65 32.76 -17.26
N VAL A 13 14.91 31.46 -17.22
CA VAL A 13 13.87 30.48 -17.00
C VAL A 13 14.01 29.80 -15.65
N PHE A 14 12.90 29.68 -14.93
CA PHE A 14 12.87 29.00 -13.64
C PHE A 14 12.33 27.59 -13.89
N LEU A 15 13.15 26.57 -13.62
CA LEU A 15 12.74 25.17 -13.79
C LEU A 15 12.70 24.53 -12.39
N PHE A 16 11.50 24.53 -11.80
CA PHE A 16 11.31 24.02 -10.46
C PHE A 16 10.71 22.63 -10.33
N ASP A 17 11.21 21.91 -9.33
CA ASP A 17 10.82 20.55 -8.98
C ASP A 17 9.40 20.51 -8.46
N GLY A 18 8.63 19.54 -8.94
CA GLY A 18 7.26 19.39 -8.49
C GLY A 18 7.01 17.96 -8.06
N SER A 19 8.06 17.26 -7.64
CA SER A 19 7.92 15.86 -7.22
C SER A 19 7.01 15.65 -6.00
N MET A 20 6.58 14.40 -5.83
CA MET A 20 5.71 14.04 -4.72
C MET A 20 6.38 14.19 -3.35
N SER A 21 7.71 14.26 -3.35
CA SER A 21 8.47 14.41 -2.11
C SER A 21 8.16 15.73 -1.42
N LEU A 22 7.94 16.76 -2.24
CA LEU A 22 7.65 18.10 -1.76
C LEU A 22 6.34 18.26 -0.98
N GLN A 23 6.46 18.75 0.25
CA GLN A 23 5.32 19.01 1.09
C GLN A 23 4.69 20.31 0.56
N PRO A 24 3.37 20.49 0.77
CA PRO A 24 2.68 21.68 0.31
C PRO A 24 3.41 23.00 0.63
N ASP A 25 3.74 23.22 1.89
CA ASP A 25 4.44 24.44 2.27
C ASP A 25 5.80 24.58 1.59
N GLU A 26 6.52 23.48 1.40
CA GLU A 26 7.84 23.53 0.75
C GLU A 26 7.74 23.94 -0.71
N PHE A 27 6.71 23.42 -1.38
CA PHE A 27 6.46 23.70 -2.77
C PHE A 27 6.20 25.20 -2.88
N GLN A 28 5.33 25.68 -1.98
CA GLN A 28 4.96 27.08 -1.93
C GLN A 28 6.19 27.97 -1.70
N LYS A 29 7.12 27.52 -0.87
CA LYS A 29 8.30 28.34 -0.61
C LYS A 29 9.17 28.47 -1.84
N ILE A 30 9.14 27.44 -2.69
CA ILE A 30 9.92 27.45 -3.93
C ILE A 30 9.28 28.50 -4.87
N LEU A 31 7.95 28.58 -4.88
CA LEU A 31 7.27 29.57 -5.72
C LEU A 31 7.51 31.00 -5.20
N ASP A 32 7.45 31.20 -3.88
CA ASP A 32 7.68 32.53 -3.32
C ASP A 32 9.09 33.01 -3.63
N PHE A 33 10.06 32.09 -3.59
CA PHE A 33 11.43 32.44 -3.88
C PHE A 33 11.50 32.97 -5.31
N MET A 34 10.92 32.23 -6.26
CA MET A 34 10.95 32.66 -7.65
C MET A 34 10.36 34.07 -7.79
N LYS A 35 9.22 34.28 -7.14
CA LYS A 35 8.57 35.59 -7.20
C LYS A 35 9.45 36.71 -6.64
N ASP A 36 10.09 36.48 -5.50
CA ASP A 36 10.95 37.52 -4.95
C ASP A 36 12.08 37.86 -5.91
N VAL A 37 12.64 36.85 -6.57
CA VAL A 37 13.70 37.11 -7.53
C VAL A 37 13.15 37.99 -8.65
N MET A 38 11.99 37.61 -9.19
CA MET A 38 11.36 38.36 -10.27
C MET A 38 11.01 39.77 -9.85
N LYS A 39 10.37 39.91 -8.69
CA LYS A 39 9.97 41.21 -8.18
C LYS A 39 11.17 42.18 -8.08
N LYS A 40 12.27 41.68 -7.50
CA LYS A 40 13.46 42.49 -7.35
C LYS A 40 14.03 42.91 -8.69
N LEU A 41 13.94 42.03 -9.68
CA LEU A 41 14.49 42.35 -11.00
C LEU A 41 13.46 42.85 -12.00
N SER A 42 12.34 43.36 -11.53
CA SER A 42 11.30 43.86 -12.42
C SER A 42 11.69 45.20 -13.04
N ASN A 43 11.10 45.53 -14.18
CA ASN A 43 11.36 46.79 -14.87
C ASN A 43 12.81 46.89 -15.32
N THR A 44 13.47 45.75 -15.47
CA THR A 44 14.86 45.73 -15.91
C THR A 44 14.90 45.10 -17.30
N SER A 45 16.08 44.75 -17.77
CA SER A 45 16.20 44.16 -19.09
C SER A 45 15.99 42.64 -19.02
N TYR A 46 15.50 42.16 -17.87
CA TYR A 46 15.22 40.75 -17.68
C TYR A 46 13.82 40.36 -18.09
N GLN A 47 13.68 39.12 -18.55
CA GLN A 47 12.37 38.57 -18.90
C GLN A 47 12.37 37.19 -18.29
N PHE A 48 11.22 36.73 -17.84
CA PHE A 48 11.18 35.42 -17.22
C PHE A 48 10.14 34.47 -17.79
N ALA A 49 10.31 33.20 -17.43
CA ALA A 49 9.43 32.12 -17.82
C ALA A 49 9.65 31.05 -16.74
N ALA A 50 8.58 30.36 -16.36
CA ALA A 50 8.70 29.32 -15.33
C ALA A 50 8.15 27.99 -15.82
N VAL A 51 8.89 26.94 -15.53
CA VAL A 51 8.50 25.59 -15.93
C VAL A 51 8.57 24.63 -14.76
N GLN A 52 7.48 23.93 -14.52
CA GLN A 52 7.45 22.95 -13.44
C GLN A 52 7.76 21.57 -14.01
N PHE A 53 8.55 20.77 -13.29
CA PHE A 53 8.84 19.43 -13.77
C PHE A 53 8.72 18.38 -12.69
N SER A 54 8.30 17.19 -13.11
CA SER A 54 8.15 16.03 -12.24
C SER A 54 8.36 14.85 -13.19
N THR A 55 7.31 14.10 -13.48
CA THR A 55 7.49 13.00 -14.43
C THR A 55 7.48 13.66 -15.80
N SER A 56 6.54 14.57 -16.01
CA SER A 56 6.49 15.31 -17.27
C SER A 56 6.76 16.78 -16.95
N TYR A 57 6.53 17.66 -17.92
CA TYR A 57 6.80 19.09 -17.76
C TYR A 57 5.67 20.01 -18.18
N LYS A 58 5.68 21.24 -17.68
CA LYS A 58 4.65 22.21 -18.04
C LYS A 58 5.14 23.64 -17.84
N THR A 59 5.02 24.44 -18.89
CA THR A 59 5.43 25.83 -18.82
C THR A 59 4.30 26.61 -18.15
N GLU A 60 4.49 26.96 -16.88
CA GLU A 60 3.48 27.69 -16.14
C GLU A 60 3.19 29.03 -16.80
N PHE A 61 4.22 29.65 -17.35
CA PHE A 61 4.07 30.89 -18.10
C PHE A 61 5.34 31.12 -18.87
N ASP A 62 5.23 31.68 -20.06
CA ASP A 62 6.41 31.93 -20.87
C ASP A 62 6.74 33.41 -20.94
N PHE A 63 7.81 33.75 -21.66
CA PHE A 63 8.25 35.13 -21.78
C PHE A 63 7.16 36.08 -22.27
N SER A 64 6.40 35.64 -23.26
CA SER A 64 5.32 36.47 -23.80
C SER A 64 4.32 36.79 -22.71
N ASP A 65 4.03 35.80 -21.85
CA ASP A 65 3.07 36.01 -20.76
C ASP A 65 3.61 37.05 -19.76
N TYR A 66 4.91 36.98 -19.47
CA TYR A 66 5.54 37.92 -18.53
C TYR A 66 5.46 39.35 -19.03
N VAL A 67 5.82 39.54 -20.29
CA VAL A 67 5.81 40.86 -20.90
C VAL A 67 4.42 41.49 -20.84
N LYS A 68 3.40 40.71 -21.14
CA LYS A 68 2.04 41.24 -21.13
C LYS A 68 1.45 41.44 -19.74
N ARG A 69 1.82 40.60 -18.78
CA ARG A 69 1.28 40.69 -17.42
C ARG A 69 2.25 41.27 -16.40
N LYS A 70 3.49 40.82 -16.43
CA LYS A 70 4.53 41.28 -15.50
C LYS A 70 4.34 40.79 -14.06
N ASP A 71 3.16 41.02 -13.49
CA ASP A 71 2.88 40.59 -12.10
C ASP A 71 3.24 39.13 -11.82
N PRO A 72 4.30 38.90 -11.01
CA PRO A 72 4.78 37.56 -10.64
C PRO A 72 3.72 36.72 -9.94
N ASP A 73 3.01 37.32 -9.01
CA ASP A 73 1.98 36.60 -8.28
C ASP A 73 0.88 36.06 -9.17
N ALA A 74 0.52 36.81 -10.21
CA ALA A 74 -0.53 36.39 -11.12
C ALA A 74 -0.05 35.31 -12.09
N LEU A 75 1.21 35.40 -12.49
CA LEU A 75 1.79 34.42 -13.41
C LEU A 75 1.91 33.05 -12.76
N LEU A 76 2.09 33.01 -11.44
CA LEU A 76 2.23 31.73 -10.76
C LEU A 76 1.08 31.45 -9.81
N LYS A 77 -0.13 31.85 -10.20
CA LYS A 77 -1.29 31.62 -9.35
C LYS A 77 -2.03 30.35 -9.68
N HIS A 78 -1.86 29.86 -10.90
CA HIS A 78 -2.56 28.66 -11.33
C HIS A 78 -1.65 27.44 -11.48
N VAL A 79 -0.64 27.35 -10.61
CA VAL A 79 0.30 26.24 -10.64
C VAL A 79 -0.20 25.07 -9.82
N LYS A 80 -0.24 23.90 -10.43
CA LYS A 80 -0.69 22.70 -9.74
C LYS A 80 0.49 21.78 -9.50
N HIS A 81 0.74 21.46 -8.23
CA HIS A 81 1.83 20.59 -7.86
C HIS A 81 1.61 19.21 -8.47
N MET A 82 2.47 18.83 -9.41
CA MET A 82 2.37 17.54 -10.11
C MET A 82 2.45 16.30 -9.22
N LEU A 83 3.24 16.38 -8.15
CA LEU A 83 3.39 15.27 -7.22
C LEU A 83 3.82 13.93 -7.83
N LEU A 84 4.73 13.99 -8.79
CA LEU A 84 5.18 12.76 -9.41
C LEU A 84 6.69 12.53 -9.22
N LEU A 85 7.36 12.11 -10.29
CA LEU A 85 8.80 11.81 -10.22
C LEU A 85 9.71 13.01 -10.47
N THR A 86 10.97 12.77 -10.75
CA THR A 86 11.92 13.86 -10.95
C THR A 86 12.78 13.62 -12.20
N ASN A 87 12.17 13.73 -13.37
CA ASN A 87 12.90 13.52 -14.61
C ASN A 87 13.63 14.79 -15.03
N THR A 88 14.68 15.11 -14.29
CA THR A 88 15.48 16.29 -14.50
C THR A 88 16.05 16.44 -15.91
N PHE A 89 16.62 15.37 -16.44
CA PHE A 89 17.19 15.41 -17.79
C PHE A 89 16.20 15.87 -18.84
N GLY A 90 15.07 15.18 -18.92
CA GLY A 90 14.06 15.54 -19.88
C GLY A 90 13.54 16.95 -19.69
N ALA A 91 13.50 17.41 -18.44
CA ALA A 91 13.00 18.75 -18.15
C ALA A 91 13.88 19.83 -18.76
N ILE A 92 15.19 19.68 -18.57
CA ILE A 92 16.16 20.62 -19.12
C ILE A 92 16.03 20.64 -20.64
N ASN A 93 15.99 19.46 -21.24
CA ASN A 93 15.85 19.37 -22.70
C ASN A 93 14.60 20.09 -23.17
N TYR A 94 13.52 19.91 -22.43
CA TYR A 94 12.26 20.54 -22.76
C TYR A 94 12.43 22.06 -22.71
N VAL A 95 13.19 22.55 -21.72
CA VAL A 95 13.40 24.00 -21.60
C VAL A 95 14.20 24.53 -22.78
N ALA A 96 15.25 23.82 -23.17
CA ALA A 96 16.09 24.25 -24.30
C ALA A 96 15.47 24.13 -25.68
N THR A 97 14.45 23.30 -25.82
CA THR A 97 13.83 23.12 -27.15
C THR A 97 12.37 23.51 -27.23
N GLU A 98 11.74 23.81 -26.10
CA GLU A 98 10.32 24.17 -26.11
C GLU A 98 9.99 25.47 -25.37
N VAL A 99 10.97 26.06 -24.70
CA VAL A 99 10.76 27.30 -23.96
C VAL A 99 11.56 28.45 -24.57
N PHE A 100 12.86 28.27 -24.75
CA PHE A 100 13.66 29.34 -25.35
C PHE A 100 13.39 29.45 -26.85
N ARG A 101 12.26 30.06 -27.21
CA ARG A 101 11.86 30.22 -28.60
C ARG A 101 11.19 31.57 -28.87
N GLU A 102 11.48 32.17 -30.03
CA GLU A 102 10.88 33.45 -30.40
C GLU A 102 9.36 33.39 -30.39
N GLU A 103 8.80 32.25 -30.80
CA GLU A 103 7.36 32.11 -30.83
C GLU A 103 6.78 32.33 -29.42
N LEU A 104 7.61 32.13 -28.40
CA LEU A 104 7.16 32.30 -27.02
C LEU A 104 7.72 33.56 -26.33
N GLY A 105 8.10 34.55 -27.12
CA GLY A 105 8.62 35.79 -26.56
C GLY A 105 10.08 35.84 -26.19
N ALA A 106 10.82 34.78 -26.51
CA ALA A 106 12.26 34.76 -26.19
C ALA A 106 12.95 35.72 -27.15
N ARG A 107 13.92 36.47 -26.64
CA ARG A 107 14.64 37.43 -27.49
C ARG A 107 15.93 36.81 -28.01
N PRO A 108 16.11 36.83 -29.34
CA PRO A 108 17.30 36.25 -30.00
C PRO A 108 18.62 36.77 -29.43
N ASP A 109 18.66 38.06 -29.13
CA ASP A 109 19.88 38.69 -28.60
C ASP A 109 20.15 38.39 -27.13
N ALA A 110 19.10 38.06 -26.38
CA ALA A 110 19.24 37.79 -24.95
C ALA A 110 20.19 36.65 -24.55
N THR A 111 20.78 36.80 -23.37
CA THR A 111 21.68 35.81 -22.82
C THR A 111 20.75 34.83 -22.11
N LYS A 112 20.84 33.56 -22.48
CA LYS A 112 19.99 32.53 -21.89
C LYS A 112 20.47 32.10 -20.51
N VAL A 113 19.54 32.07 -19.55
CA VAL A 113 19.86 31.66 -18.18
C VAL A 113 18.80 30.70 -17.65
N LEU A 114 19.23 29.68 -16.93
CA LEU A 114 18.30 28.71 -16.39
C LEU A 114 18.63 28.47 -14.93
N ILE A 115 17.61 28.57 -14.09
CA ILE A 115 17.76 28.38 -12.65
C ILE A 115 16.93 27.14 -12.29
N ILE A 116 17.60 26.03 -12.00
CA ILE A 116 16.93 24.78 -11.66
C ILE A 116 16.78 24.64 -10.14
N ILE A 117 15.59 24.27 -9.68
CA ILE A 117 15.35 24.10 -8.25
C ILE A 117 14.77 22.73 -7.96
N THR A 118 15.51 21.88 -7.29
CA THR A 118 15.04 20.53 -7.02
C THR A 118 15.24 20.07 -5.58
N ASP A 119 14.50 19.04 -5.17
CA ASP A 119 14.60 18.49 -3.82
C ASP A 119 15.05 17.03 -3.82
N GLY A 120 15.43 16.52 -4.97
CA GLY A 120 15.88 15.13 -5.06
C GLY A 120 16.69 14.83 -6.30
N GLU A 121 17.35 13.68 -6.29
CA GLU A 121 18.15 13.23 -7.42
C GLU A 121 17.22 12.87 -8.59
N ALA A 122 17.73 13.12 -9.80
CA ALA A 122 16.99 12.82 -11.01
C ALA A 122 16.59 11.35 -11.04
N THR A 123 15.44 11.06 -11.65
CA THR A 123 14.94 9.69 -11.76
C THR A 123 15.05 9.21 -13.20
N ASP A 124 15.68 10.01 -14.05
CA ASP A 124 15.86 9.63 -15.45
C ASP A 124 17.33 9.77 -15.80
N SER A 125 17.68 9.47 -17.04
CA SER A 125 19.07 9.55 -17.47
C SER A 125 19.11 10.07 -18.90
N GLY A 126 20.31 10.37 -19.37
CA GLY A 126 20.46 10.88 -20.72
C GLY A 126 21.57 11.92 -20.76
N ASN A 127 21.35 13.02 -21.48
CA ASN A 127 22.34 14.07 -21.54
C ASN A 127 21.62 15.38 -21.76
N ILE A 128 22.25 16.50 -21.42
CA ILE A 128 21.63 17.79 -21.61
C ILE A 128 22.40 18.65 -22.60
N ASP A 129 22.96 18.01 -23.63
CA ASP A 129 23.71 18.73 -24.64
C ASP A 129 22.94 19.86 -25.30
N ALA A 130 21.64 19.66 -25.48
CA ALA A 130 20.80 20.67 -26.12
C ALA A 130 20.78 22.01 -25.36
N ALA A 131 21.25 22.00 -24.11
CA ALA A 131 21.27 23.23 -23.30
C ALA A 131 22.68 23.75 -22.96
N LYS A 132 23.70 23.25 -23.65
CA LYS A 132 25.08 23.69 -23.39
C LYS A 132 25.24 25.22 -23.41
N ASP A 133 24.62 25.85 -24.40
CA ASP A 133 24.69 27.30 -24.58
C ASP A 133 23.88 28.10 -23.54
N ILE A 134 23.37 27.40 -22.53
CA ILE A 134 22.59 28.04 -21.48
C ILE A 134 23.36 28.07 -20.17
N ILE A 135 23.38 29.24 -19.53
CA ILE A 135 24.06 29.39 -18.23
C ILE A 135 23.12 28.70 -17.26
N ARG A 136 23.61 27.65 -16.60
CA ARG A 136 22.77 26.87 -15.69
C ARG A 136 23.14 26.88 -14.21
N TYR A 137 22.16 27.23 -13.39
CA TYR A 137 22.33 27.24 -11.93
C TYR A 137 21.41 26.16 -11.38
N ILE A 138 21.78 25.54 -10.27
CA ILE A 138 20.96 24.53 -9.66
C ILE A 138 21.04 24.62 -8.14
N ILE A 139 19.88 24.57 -7.52
CA ILE A 139 19.74 24.63 -6.07
C ILE A 139 19.15 23.29 -5.63
N GLY A 140 19.85 22.64 -4.72
CA GLY A 140 19.40 21.36 -4.19
C GLY A 140 18.99 21.63 -2.77
N ILE A 141 17.81 21.19 -2.40
CA ILE A 141 17.29 21.45 -1.07
C ILE A 141 16.80 20.20 -0.39
N GLY A 142 16.93 20.16 0.94
CA GLY A 142 16.42 19.02 1.68
C GLY A 142 17.37 17.94 2.12
N LYS A 143 16.80 16.98 2.83
CA LYS A 143 17.59 15.88 3.34
C LYS A 143 18.06 14.92 2.27
N HIS A 144 17.44 14.94 1.08
CA HIS A 144 17.88 14.02 0.02
C HIS A 144 19.25 14.39 -0.50
N PHE A 145 19.78 15.52 -0.01
CA PHE A 145 21.11 15.95 -0.39
C PHE A 145 21.98 16.03 0.85
N GLN A 146 21.80 15.05 1.74
CA GLN A 146 22.56 15.01 2.99
C GLN A 146 24.02 14.63 2.73
N THR A 147 24.25 13.59 1.93
CA THR A 147 25.61 13.17 1.65
C THR A 147 26.24 13.96 0.52
N LYS A 148 27.57 13.97 0.50
CA LYS A 148 28.30 14.67 -0.54
C LYS A 148 28.05 14.00 -1.88
N GLU A 149 27.95 12.68 -1.87
CA GLU A 149 27.73 11.98 -3.12
C GLU A 149 26.41 12.37 -3.79
N SER A 150 25.36 12.60 -3.00
CA SER A 150 24.08 12.99 -3.60
C SER A 150 24.17 14.39 -4.21
N GLN A 151 24.87 15.29 -3.53
CA GLN A 151 25.04 16.66 -3.99
C GLN A 151 25.79 16.68 -5.32
N GLU A 152 26.82 15.85 -5.44
CA GLU A 152 27.61 15.81 -6.65
C GLU A 152 26.79 15.48 -7.88
N THR A 153 25.76 14.66 -7.70
CA THR A 153 24.92 14.27 -8.83
C THR A 153 24.26 15.45 -9.54
N LEU A 154 24.25 16.61 -8.90
CA LEU A 154 23.64 17.79 -9.50
C LEU A 154 24.63 18.57 -10.36
N HIS A 155 25.92 18.33 -10.14
CA HIS A 155 26.95 19.04 -10.89
C HIS A 155 26.81 18.92 -12.40
N LYS A 156 26.37 17.76 -12.90
CA LYS A 156 26.25 17.56 -14.34
C LYS A 156 25.17 18.42 -14.99
N PHE A 157 24.28 18.98 -14.18
CA PHE A 157 23.21 19.80 -14.73
C PHE A 157 23.55 21.28 -14.81
N ALA A 158 24.41 21.71 -13.89
CA ALA A 158 24.83 23.10 -13.79
C ALA A 158 26.10 23.43 -14.57
N SER A 159 26.35 24.70 -14.78
CA SER A 159 27.55 25.11 -15.50
C SER A 159 28.74 24.97 -14.57
N LYS A 160 29.95 25.16 -15.09
CA LYS A 160 31.13 25.03 -14.24
C LYS A 160 31.76 26.39 -14.01
N PRO A 161 32.41 26.56 -12.86
CA PRO A 161 32.61 25.60 -11.77
C PRO A 161 31.39 25.32 -10.90
N ALA A 162 31.38 24.17 -10.26
CA ALA A 162 30.28 23.76 -9.39
C ALA A 162 30.15 24.69 -8.19
N SER A 163 31.27 25.22 -7.70
CA SER A 163 31.27 26.14 -6.56
C SER A 163 30.52 27.43 -6.87
N GLU A 164 30.32 27.70 -8.15
CA GLU A 164 29.62 28.91 -8.56
C GLU A 164 28.20 28.64 -9.04
N PHE A 165 27.97 27.51 -9.69
CA PHE A 165 26.63 27.24 -10.21
C PHE A 165 25.82 26.20 -9.45
N VAL A 166 26.34 25.76 -8.31
CA VAL A 166 25.62 24.76 -7.52
C VAL A 166 25.48 25.13 -6.06
N LYS A 167 24.24 25.35 -5.62
CA LYS A 167 23.95 25.71 -4.24
C LYS A 167 23.20 24.58 -3.55
N ILE A 168 23.69 24.18 -2.38
CA ILE A 168 23.10 23.12 -1.59
C ILE A 168 22.47 23.73 -0.33
N LEU A 169 21.16 23.62 -0.19
CA LEU A 169 20.46 24.17 0.97
C LEU A 169 19.93 23.00 1.81
N ASP A 170 20.23 23.00 3.10
CA ASP A 170 19.77 21.90 3.95
C ASP A 170 18.29 22.00 4.34
N THR A 171 17.69 23.19 4.28
CA THR A 171 16.27 23.35 4.56
C THR A 171 15.69 24.37 3.60
N PHE A 172 14.38 24.33 3.39
CA PHE A 172 13.75 25.27 2.49
C PHE A 172 13.77 26.68 3.06
N GLU A 173 13.89 26.77 4.37
CA GLU A 173 13.94 28.06 5.03
C GLU A 173 15.18 28.81 4.58
N LYS A 174 16.22 28.09 4.15
CA LYS A 174 17.45 28.76 3.71
C LYS A 174 17.29 29.49 2.39
N LEU A 175 16.14 29.32 1.73
CA LEU A 175 15.91 30.01 0.47
C LEU A 175 15.95 31.53 0.72
N LYS A 176 15.52 31.94 1.91
CA LYS A 176 15.52 33.36 2.25
C LYS A 176 16.97 33.83 2.37
N ASP A 177 17.81 32.99 2.94
CA ASP A 177 19.22 33.32 3.08
C ASP A 177 19.84 33.44 1.70
N LEU A 178 19.39 32.59 0.78
CA LEU A 178 19.92 32.65 -0.59
C LEU A 178 19.50 33.97 -1.27
N PHE A 179 18.24 34.35 -1.09
CA PHE A 179 17.75 35.60 -1.69
C PHE A 179 18.53 36.80 -1.18
N THR A 180 18.87 36.80 0.10
CA THR A 180 19.63 37.90 0.65
C THR A 180 21.05 37.88 0.12
N GLU A 181 21.62 36.69 -0.05
CA GLU A 181 22.97 36.55 -0.58
C GLU A 181 22.97 36.93 -2.07
N LEU A 182 21.89 36.61 -2.77
CA LEU A 182 21.74 36.90 -4.19
C LEU A 182 21.69 38.40 -4.49
N GLN A 183 20.95 39.13 -3.66
CA GLN A 183 20.80 40.58 -3.85
C GLN A 183 22.11 41.35 -3.74
N LYS A 184 23.02 40.85 -2.90
CA LYS A 184 24.32 41.51 -2.71
C LYS A 184 25.10 41.56 -4.02
N LYS A 185 24.59 40.85 -5.03
CA LYS A 185 25.24 40.79 -6.33
C LYS A 185 24.52 41.64 -7.37
N ILE A 186 23.59 42.47 -6.91
CA ILE A 186 22.85 43.32 -7.82
C ILE A 186 23.55 44.66 -7.94
N TYR A 187 23.85 45.04 -9.17
CA TYR A 187 24.53 46.30 -9.43
C TYR A 187 24.02 46.98 -10.68
N VAL A 188 24.19 48.30 -10.70
CA VAL A 188 23.81 49.12 -11.85
C VAL A 188 25.07 49.27 -12.69
N ILE A 189 25.23 48.45 -13.73
CA ILE A 189 26.40 48.55 -14.57
C ILE A 189 26.02 48.91 -15.99
N GLU A 190 26.70 49.91 -16.55
CA GLU A 190 26.42 50.31 -17.93
C GLU A 190 27.62 50.06 -18.82
N GLY A 191 28.81 50.20 -18.24
CA GLY A 191 30.04 49.98 -18.98
C GLY A 191 31.14 49.30 -18.18
N GLY B 8 25.98 -35.60 5.34
CA GLY B 8 26.22 -35.06 6.72
C GLY B 8 25.18 -34.10 7.26
N ASN B 9 25.55 -33.31 8.25
CA ASN B 9 24.63 -32.36 8.85
C ASN B 9 24.59 -31.01 8.16
N VAL B 10 23.46 -30.31 8.25
CA VAL B 10 23.35 -29.01 7.62
C VAL B 10 22.77 -27.93 8.53
N ASP B 11 23.54 -26.87 8.73
CA ASP B 11 23.07 -25.76 9.55
C ASP B 11 22.65 -24.63 8.62
N LEU B 12 21.36 -24.37 8.58
CA LEU B 12 20.80 -23.36 7.71
C LEU B 12 20.19 -22.18 8.48
N VAL B 13 20.55 -20.97 8.07
CA VAL B 13 20.05 -19.77 8.70
C VAL B 13 19.21 -18.97 7.75
N PHE B 14 18.04 -18.54 8.22
CA PHE B 14 17.14 -17.70 7.43
C PHE B 14 17.38 -16.25 7.84
N LEU B 15 17.83 -15.42 6.90
CA LEU B 15 18.09 -14.00 7.14
C LEU B 15 17.02 -13.21 6.37
N PHE B 16 15.92 -12.87 7.03
CA PHE B 16 14.83 -12.16 6.38
C PHE B 16 14.74 -10.67 6.64
N ASP B 17 14.37 -9.98 5.57
CA ASP B 17 14.19 -8.52 5.51
C ASP B 17 13.01 -8.07 6.37
N GLY B 18 13.23 -7.03 7.16
CA GLY B 18 12.17 -6.51 8.00
C GLY B 18 12.00 -5.01 7.81
N SER B 19 12.38 -4.50 6.65
CA SER B 19 12.29 -3.05 6.35
C SER B 19 10.86 -2.50 6.42
N MET B 20 10.75 -1.17 6.52
CA MET B 20 9.43 -0.54 6.59
C MET B 20 8.67 -0.68 5.27
N SER B 21 9.37 -1.03 4.20
CA SER B 21 8.71 -1.15 2.90
C SER B 21 7.70 -2.29 2.92
N LEU B 22 8.01 -3.35 3.67
CA LEU B 22 7.15 -4.52 3.76
C LEU B 22 5.81 -4.27 4.44
N GLN B 23 4.73 -4.61 3.73
CA GLN B 23 3.39 -4.48 4.26
C GLN B 23 3.19 -5.67 5.20
N PRO B 24 2.31 -5.53 6.20
CA PRO B 24 2.03 -6.60 7.16
C PRO B 24 1.86 -7.97 6.51
N ASP B 25 0.94 -8.07 5.57
CA ASP B 25 0.69 -9.35 4.92
C ASP B 25 1.94 -9.90 4.21
N GLU B 26 2.74 -9.02 3.60
CA GLU B 26 3.93 -9.47 2.89
C GLU B 26 4.97 -10.03 3.85
N PHE B 27 5.14 -9.35 4.98
CA PHE B 27 6.10 -9.78 5.98
C PHE B 27 5.67 -11.17 6.42
N GLN B 28 4.39 -11.32 6.73
CA GLN B 28 3.84 -12.59 7.16
C GLN B 28 4.07 -13.68 6.13
N LYS B 29 3.99 -13.35 4.85
CA LYS B 29 4.19 -14.35 3.79
C LYS B 29 5.63 -14.85 3.81
N ILE B 30 6.55 -13.97 4.20
CA ILE B 30 7.97 -14.31 4.27
C ILE B 30 8.18 -15.30 5.42
N LEU B 31 7.48 -15.08 6.53
CA LEU B 31 7.60 -15.98 7.68
C LEU B 31 6.96 -17.34 7.37
N ASP B 32 5.82 -17.33 6.68
CA ASP B 32 5.13 -18.57 6.32
C ASP B 32 6.00 -19.44 5.42
N PHE B 33 6.67 -18.78 4.47
CA PHE B 33 7.57 -19.46 3.54
C PHE B 33 8.68 -20.16 4.34
N MET B 34 9.28 -19.45 5.29
CA MET B 34 10.32 -20.04 6.10
C MET B 34 9.84 -21.28 6.83
N LYS B 35 8.66 -21.19 7.44
CA LYS B 35 8.09 -22.32 8.17
C LYS B 35 7.84 -23.52 7.24
N ASP B 36 7.32 -23.26 6.04
CA ASP B 36 7.05 -24.34 5.08
C ASP B 36 8.34 -25.11 4.81
N VAL B 37 9.42 -24.37 4.60
CA VAL B 37 10.69 -25.01 4.31
C VAL B 37 11.11 -25.84 5.52
N MET B 38 11.05 -25.25 6.71
CA MET B 38 11.43 -25.97 7.92
C MET B 38 10.55 -27.20 8.14
N LYS B 39 9.23 -27.04 8.05
CA LYS B 39 8.32 -28.16 8.23
C LYS B 39 8.64 -29.34 7.32
N LYS B 40 8.83 -29.06 6.04
CA LYS B 40 9.15 -30.08 5.05
C LYS B 40 10.48 -30.79 5.40
N LEU B 41 11.45 -30.03 5.90
CA LEU B 41 12.74 -30.61 6.23
C LEU B 41 12.90 -30.98 7.70
N SER B 42 11.80 -31.20 8.42
CA SER B 42 11.90 -31.56 9.84
C SER B 42 12.26 -33.04 10.01
N ASN B 43 12.82 -33.37 11.18
CA ASN B 43 13.25 -34.73 11.49
C ASN B 43 14.34 -35.20 10.54
N THR B 44 15.11 -34.27 9.98
CA THR B 44 16.20 -34.62 9.07
C THR B 44 17.51 -34.19 9.76
N SER B 45 18.60 -34.16 9.01
CA SER B 45 19.87 -33.77 9.57
C SER B 45 20.02 -32.25 9.52
N TYR B 46 18.93 -31.56 9.20
CA TYR B 46 18.95 -30.09 9.15
C TYR B 46 18.65 -29.46 10.48
N GLN B 47 19.20 -28.27 10.67
CA GLN B 47 19.01 -27.51 11.89
C GLN B 47 18.80 -26.08 11.41
N PHE B 48 17.90 -25.34 12.05
CA PHE B 48 17.64 -23.99 11.59
C PHE B 48 17.81 -22.90 12.64
N ALA B 49 17.89 -21.67 12.14
CA ALA B 49 18.02 -20.47 12.94
C ALA B 49 17.47 -19.37 12.04
N ALA B 50 16.80 -18.39 12.63
CA ALA B 50 16.24 -17.30 11.83
C ALA B 50 16.65 -15.95 12.41
N VAL B 51 17.08 -15.05 11.52
CA VAL B 51 17.52 -13.73 11.92
C VAL B 51 16.82 -12.66 11.08
N GLN B 52 16.23 -11.68 11.76
CA GLN B 52 15.53 -10.61 11.07
C GLN B 52 16.46 -9.40 10.97
N PHE B 53 16.47 -8.75 9.81
CA PHE B 53 17.32 -7.58 9.67
C PHE B 53 16.62 -6.40 9.04
N SER B 54 17.02 -5.23 9.48
CA SER B 54 16.49 -3.98 8.98
C SER B 54 17.63 -2.98 9.20
N THR B 55 17.51 -2.05 10.15
CA THR B 55 18.62 -1.13 10.38
C THR B 55 19.60 -1.92 11.23
N SER B 56 19.06 -2.63 12.21
CA SER B 56 19.89 -3.48 13.06
C SER B 56 19.42 -4.92 12.84
N TYR B 57 19.88 -5.83 13.71
CA TYR B 57 19.55 -7.25 13.56
C TYR B 57 19.15 -7.96 14.84
N LYS B 58 18.43 -9.07 14.70
CA LYS B 58 17.99 -9.85 15.84
C LYS B 58 17.76 -11.33 15.49
N THR B 59 18.36 -12.21 16.29
CA THR B 59 18.20 -13.65 16.09
C THR B 59 16.88 -14.05 16.73
N GLU B 60 15.85 -14.26 15.92
CA GLU B 60 14.55 -14.63 16.45
C GLU B 60 14.61 -15.97 17.18
N PHE B 61 15.47 -16.85 16.71
CA PHE B 61 15.69 -18.15 17.37
C PHE B 61 16.94 -18.75 16.77
N ASP B 62 17.74 -19.38 17.62
CA ASP B 62 18.98 -19.98 17.18
C ASP B 62 18.88 -21.50 17.10
N PHE B 63 19.94 -22.15 16.62
CA PHE B 63 19.93 -23.60 16.48
C PHE B 63 19.56 -24.34 17.76
N SER B 64 20.11 -23.88 18.88
CA SER B 64 19.83 -24.50 20.16
C SER B 64 18.33 -24.44 20.44
N ASP B 65 17.68 -23.34 20.08
CA ASP B 65 16.24 -23.21 20.30
C ASP B 65 15.45 -24.19 19.43
N TYR B 66 15.89 -24.35 18.19
CA TYR B 66 15.24 -25.25 17.24
C TYR B 66 15.27 -26.68 17.76
N VAL B 67 16.43 -27.12 18.19
CA VAL B 67 16.61 -28.47 18.71
C VAL B 67 15.70 -28.75 19.91
N LYS B 68 15.62 -27.80 20.83
CA LYS B 68 14.78 -28.00 22.00
C LYS B 68 13.28 -27.91 21.70
N ARG B 69 12.88 -27.03 20.77
CA ARG B 69 11.45 -26.94 20.48
C ARG B 69 10.99 -27.54 19.16
N LYS B 70 11.78 -27.36 18.10
CA LYS B 70 11.45 -27.93 16.80
C LYS B 70 10.29 -27.21 16.09
N ASP B 71 9.14 -27.11 16.75
CA ASP B 71 7.97 -26.48 16.15
C ASP B 71 8.24 -25.10 15.53
N PRO B 72 8.17 -25.01 14.20
CA PRO B 72 8.40 -23.78 13.42
C PRO B 72 7.47 -22.64 13.81
N ASP B 73 6.19 -22.93 13.93
CA ASP B 73 5.24 -21.87 14.28
C ASP B 73 5.55 -21.24 15.64
N ALA B 74 6.04 -22.03 16.59
CA ALA B 74 6.35 -21.51 17.92
C ALA B 74 7.63 -20.70 17.93
N LEU B 75 8.58 -21.10 17.09
CA LEU B 75 9.86 -20.42 16.99
C LEU B 75 9.75 -19.03 16.40
N LEU B 76 8.75 -18.83 15.54
CA LEU B 76 8.55 -17.53 14.91
C LEU B 76 7.22 -16.89 15.31
N LYS B 77 6.83 -17.07 16.57
CA LYS B 77 5.57 -16.51 17.04
C LYS B 77 5.75 -15.12 17.66
N HIS B 78 6.95 -14.85 18.18
CA HIS B 78 7.25 -13.57 18.82
C HIS B 78 8.08 -12.63 17.96
N VAL B 79 7.93 -12.71 16.64
CA VAL B 79 8.69 -11.85 15.73
C VAL B 79 8.03 -10.49 15.58
N LYS B 80 8.80 -9.42 15.81
CA LYS B 80 8.29 -8.07 15.67
C LYS B 80 8.90 -7.38 14.47
N HIS B 81 8.05 -7.02 13.51
CA HIS B 81 8.52 -6.36 12.30
C HIS B 81 9.22 -5.05 12.66
N MET B 82 10.53 -4.99 12.43
CA MET B 82 11.35 -3.82 12.74
C MET B 82 10.94 -2.54 12.00
N LEU B 83 10.50 -2.67 10.76
CA LEU B 83 10.03 -1.52 10.00
C LEU B 83 11.06 -0.40 9.82
N LEU B 84 12.33 -0.75 9.62
CA LEU B 84 13.36 0.26 9.44
C LEU B 84 14.04 0.17 8.06
N LEU B 85 15.36 0.30 8.04
CA LEU B 85 16.10 0.26 6.78
C LEU B 85 16.53 -1.15 6.36
N THR B 86 17.48 -1.22 5.44
CA THR B 86 17.92 -2.52 4.91
C THR B 86 19.44 -2.64 4.89
N ASN B 87 20.04 -2.78 6.05
CA ASN B 87 21.49 -2.89 6.13
C ASN B 87 21.91 -4.33 5.92
N THR B 88 21.78 -4.77 4.68
CA THR B 88 22.09 -6.13 4.29
C THR B 88 23.53 -6.57 4.61
N PHE B 89 24.52 -5.73 4.30
CA PHE B 89 25.92 -6.07 4.58
C PHE B 89 26.16 -6.44 6.04
N GLY B 90 25.77 -5.54 6.94
CA GLY B 90 25.97 -5.79 8.35
C GLY B 90 25.20 -6.99 8.85
N ALA B 91 24.03 -7.24 8.26
CA ALA B 91 23.22 -8.39 8.67
C ALA B 91 23.97 -9.70 8.39
N ILE B 92 24.53 -9.81 7.18
CA ILE B 92 25.26 -11.00 6.80
C ILE B 92 26.45 -11.18 7.76
N ASN B 93 27.22 -10.12 7.97
CA ASN B 93 28.35 -10.19 8.89
C ASN B 93 27.91 -10.67 10.26
N TYR B 94 26.76 -10.17 10.71
CA TYR B 94 26.21 -10.55 12.01
C TYR B 94 25.94 -12.06 12.04
N VAL B 95 25.39 -12.58 10.95
CA VAL B 95 25.08 -14.01 10.88
C VAL B 95 26.35 -14.87 10.93
N ALA B 96 27.39 -14.45 10.23
CA ALA B 96 28.63 -15.24 10.21
C ALA B 96 29.47 -15.14 11.46
N THR B 97 29.26 -14.09 12.27
CA THR B 97 30.06 -13.93 13.49
C THR B 97 29.27 -14.01 14.80
N GLU B 98 27.94 -14.03 14.73
CA GLU B 98 27.15 -14.06 15.95
C GLU B 98 26.05 -15.15 15.96
N VAL B 99 25.87 -15.83 14.84
CA VAL B 99 24.86 -16.87 14.74
C VAL B 99 25.51 -18.24 14.61
N PHE B 100 26.37 -18.40 13.61
CA PHE B 100 27.06 -19.68 13.41
C PHE B 100 28.11 -19.90 14.48
N ARG B 101 27.68 -20.31 15.66
CA ARG B 101 28.58 -20.56 16.78
C ARG B 101 28.14 -21.76 17.64
N GLU B 102 29.10 -22.53 18.14
CA GLU B 102 28.77 -23.69 18.99
C GLU B 102 27.98 -23.28 20.23
N GLU B 103 28.28 -22.11 20.77
CA GLU B 103 27.56 -21.66 21.96
C GLU B 103 26.06 -21.56 21.66
N LEU B 104 25.72 -21.40 20.38
CA LEU B 104 24.30 -21.29 20.00
C LEU B 104 23.75 -22.54 19.30
N GLY B 105 24.38 -23.67 19.55
CA GLY B 105 23.92 -24.93 18.97
C GLY B 105 24.37 -25.26 17.56
N ALA B 106 25.26 -24.44 16.99
CA ALA B 106 25.73 -24.74 15.64
C ALA B 106 26.69 -25.93 15.72
N ARG B 107 26.61 -26.82 14.74
CA ARG B 107 27.45 -28.01 14.71
C ARG B 107 28.72 -27.74 13.90
N PRO B 108 29.90 -27.97 14.52
CA PRO B 108 31.18 -27.75 13.84
C PRO B 108 31.32 -28.49 12.51
N ASP B 109 30.77 -29.69 12.43
CA ASP B 109 30.89 -30.48 11.20
C ASP B 109 29.86 -30.10 10.12
N ALA B 110 28.77 -29.47 10.53
CA ALA B 110 27.71 -29.08 9.60
C ALA B 110 28.16 -28.16 8.47
N THR B 111 27.46 -28.28 7.35
CA THR B 111 27.68 -27.46 6.19
C THR B 111 26.85 -26.20 6.43
N LYS B 112 27.50 -25.04 6.39
CA LYS B 112 26.82 -23.76 6.64
C LYS B 112 26.03 -23.25 5.43
N VAL B 113 24.76 -22.96 5.64
CA VAL B 113 23.89 -22.46 4.57
C VAL B 113 23.12 -21.21 5.05
N LEU B 114 22.99 -20.23 4.17
CA LEU B 114 22.30 -19.00 4.50
C LEU B 114 21.33 -18.66 3.39
N ILE B 115 20.07 -18.44 3.76
CA ILE B 115 19.02 -18.08 2.80
C ILE B 115 18.55 -16.67 3.13
N ILE B 116 18.94 -15.70 2.29
CA ILE B 116 18.57 -14.31 2.51
C ILE B 116 17.30 -13.95 1.75
N ILE B 117 16.38 -13.25 2.42
CA ILE B 117 15.13 -12.86 1.79
C ILE B 117 14.91 -11.36 1.97
N THR B 118 14.95 -10.61 0.87
CA THR B 118 14.79 -9.16 0.96
C THR B 118 13.83 -8.60 -0.09
N ASP B 119 13.35 -7.38 0.16
CA ASP B 119 12.40 -6.71 -0.74
C ASP B 119 12.97 -5.39 -1.26
N GLY B 120 14.25 -5.14 -1.02
CA GLY B 120 14.84 -3.90 -1.49
C GLY B 120 16.36 -3.94 -1.51
N GLU B 121 16.97 -2.94 -2.15
CA GLU B 121 18.42 -2.86 -2.22
C GLU B 121 18.96 -2.46 -0.86
N ALA B 122 20.16 -2.97 -0.55
CA ALA B 122 20.81 -2.69 0.72
C ALA B 122 20.99 -1.18 0.88
N THR B 123 20.91 -0.72 2.13
CA THR B 123 21.07 0.70 2.45
C THR B 123 22.43 0.96 3.11
N ASP B 124 23.29 -0.06 3.13
CA ASP B 124 24.61 0.07 3.71
C ASP B 124 25.66 -0.44 2.71
N SER B 125 26.93 -0.35 3.06
CA SER B 125 27.98 -0.81 2.17
C SER B 125 29.06 -1.50 3.01
N GLY B 126 30.03 -2.12 2.33
CA GLY B 126 31.09 -2.81 3.01
C GLY B 126 31.45 -4.06 2.25
N ASN B 127 31.66 -5.17 2.97
CA ASN B 127 31.98 -6.44 2.34
C ASN B 127 31.46 -7.56 3.21
N ILE B 128 31.27 -8.73 2.61
CA ILE B 128 30.79 -9.89 3.35
C ILE B 128 31.83 -11.01 3.40
N ASP B 129 33.10 -10.65 3.44
CA ASP B 129 34.18 -11.65 3.45
C ASP B 129 34.06 -12.65 4.59
N ALA B 130 33.57 -12.18 5.73
CA ALA B 130 33.42 -13.02 6.91
C ALA B 130 32.51 -14.23 6.65
N ALA B 131 31.74 -14.19 5.57
CA ALA B 131 30.83 -15.28 5.28
C ALA B 131 31.13 -16.02 3.98
N LYS B 132 32.34 -15.87 3.47
CA LYS B 132 32.73 -16.57 2.24
C LYS B 132 32.50 -18.08 2.31
N ASP B 133 32.83 -18.68 3.45
CA ASP B 133 32.68 -20.12 3.64
C ASP B 133 31.23 -20.56 3.85
N ILE B 134 30.29 -19.64 3.63
CA ILE B 134 28.90 -19.99 3.78
C ILE B 134 28.22 -20.01 2.42
N ILE B 135 27.44 -21.06 2.16
CA ILE B 135 26.69 -21.18 0.92
C ILE B 135 25.53 -20.20 1.04
N ARG B 136 25.50 -19.20 0.16
CA ARG B 136 24.48 -18.17 0.24
C ARG B 136 23.48 -18.05 -0.90
N TYR B 137 22.20 -18.11 -0.54
CA TYR B 137 21.12 -17.94 -1.51
C TYR B 137 20.41 -16.61 -1.17
N ILE B 138 19.87 -15.94 -2.17
CA ILE B 138 19.15 -14.71 -1.94
C ILE B 138 17.91 -14.63 -2.84
N ILE B 139 16.80 -14.24 -2.23
CA ILE B 139 15.53 -14.10 -2.91
C ILE B 139 15.15 -12.62 -2.84
N GLY B 140 14.95 -12.02 -4.00
CA GLY B 140 14.58 -10.61 -4.08
C GLY B 140 13.14 -10.59 -4.52
N ILE B 141 12.31 -9.87 -3.77
CA ILE B 141 10.89 -9.84 -4.09
C ILE B 141 10.37 -8.41 -4.23
N GLY B 142 9.35 -8.24 -5.08
CA GLY B 142 8.74 -6.93 -5.22
C GLY B 142 9.12 -6.05 -6.38
N LYS B 143 8.44 -4.92 -6.45
CA LYS B 143 8.69 -3.96 -7.51
C LYS B 143 10.04 -3.28 -7.37
N HIS B 144 10.66 -3.34 -6.20
CA HIS B 144 11.96 -2.72 -6.00
C HIS B 144 13.04 -3.41 -6.85
N PHE B 145 12.68 -4.56 -7.41
CA PHE B 145 13.59 -5.31 -8.27
C PHE B 145 12.99 -5.44 -9.66
N GLN B 146 12.42 -4.32 -10.14
CA GLN B 146 11.81 -4.28 -11.46
C GLN B 146 12.87 -4.29 -12.56
N THR B 147 13.88 -3.45 -12.44
CA THR B 147 14.92 -3.38 -13.45
C THR B 147 16.02 -4.42 -13.23
N LYS B 148 16.72 -4.78 -14.29
CA LYS B 148 17.79 -5.76 -14.18
C LYS B 148 18.89 -5.18 -13.31
N GLU B 149 19.12 -3.88 -13.43
CA GLU B 149 20.16 -3.17 -12.68
C GLU B 149 19.97 -3.40 -11.17
N SER B 150 18.73 -3.33 -10.69
CA SER B 150 18.47 -3.53 -9.26
C SER B 150 18.72 -4.98 -8.84
N GLN B 151 18.27 -5.91 -9.68
CA GLN B 151 18.45 -7.33 -9.42
C GLN B 151 19.92 -7.67 -9.29
N GLU B 152 20.75 -7.12 -10.17
CA GLU B 152 22.18 -7.40 -10.14
C GLU B 152 22.82 -7.07 -8.80
N THR B 153 22.34 -6.00 -8.15
CA THR B 153 22.92 -5.60 -6.87
C THR B 153 22.88 -6.68 -5.80
N LEU B 154 22.05 -7.70 -6.02
CA LEU B 154 21.95 -8.79 -5.05
C LEU B 154 23.02 -9.86 -5.28
N HIS B 155 23.57 -9.91 -6.48
CA HIS B 155 24.59 -10.90 -6.83
C HIS B 155 25.78 -10.96 -5.88
N LYS B 156 26.20 -9.81 -5.38
CA LYS B 156 27.35 -9.75 -4.48
C LYS B 156 27.13 -10.43 -3.14
N PHE B 157 25.87 -10.67 -2.79
CA PHE B 157 25.55 -11.29 -1.51
C PHE B 157 25.45 -12.82 -1.59
N ALA B 158 25.06 -13.30 -2.76
CA ALA B 158 24.88 -14.74 -3.00
C ALA B 158 26.11 -15.43 -3.55
N SER B 159 26.13 -16.75 -3.48
CA SER B 159 27.26 -17.52 -4.00
C SER B 159 27.16 -17.53 -5.52
N LYS B 160 28.19 -18.01 -6.20
CA LYS B 160 28.16 -18.06 -7.66
C LYS B 160 27.96 -19.48 -8.15
N PRO B 161 27.32 -19.66 -9.32
CA PRO B 161 26.77 -18.61 -10.19
C PRO B 161 25.47 -17.97 -9.68
N ALA B 162 25.19 -16.77 -10.18
CA ALA B 162 23.99 -16.03 -9.81
C ALA B 162 22.71 -16.73 -10.26
N SER B 163 22.77 -17.44 -11.39
CA SER B 163 21.63 -18.14 -11.91
C SER B 163 21.20 -19.30 -11.02
N GLU B 164 22.09 -19.68 -10.10
CA GLU B 164 21.82 -20.76 -9.16
C GLU B 164 21.50 -20.26 -7.75
N PHE B 165 22.16 -19.20 -7.30
CA PHE B 165 21.93 -18.70 -5.95
C PHE B 165 21.12 -17.41 -5.84
N VAL B 166 20.59 -16.92 -6.95
CA VAL B 166 19.80 -15.69 -6.93
C VAL B 166 18.44 -15.85 -7.60
N LYS B 167 17.39 -15.74 -6.80
CA LYS B 167 16.01 -15.84 -7.31
C LYS B 167 15.30 -14.49 -7.18
N ILE B 168 14.69 -14.06 -8.28
CA ILE B 168 13.96 -12.81 -8.33
C ILE B 168 12.48 -13.14 -8.47
N LEU B 169 11.67 -12.70 -7.50
CA LEU B 169 10.24 -12.94 -7.53
C LEU B 169 9.54 -11.60 -7.70
N ASP B 170 8.64 -11.51 -8.67
CA ASP B 170 7.95 -10.25 -8.92
C ASP B 170 6.85 -9.94 -7.91
N THR B 171 6.31 -10.96 -7.24
CA THR B 171 5.28 -10.74 -6.21
C THR B 171 5.52 -11.70 -5.05
N PHE B 172 5.00 -11.37 -3.87
CA PHE B 172 5.18 -12.23 -2.71
C PHE B 172 4.43 -13.53 -2.87
N GLU B 173 3.41 -13.50 -3.72
CA GLU B 173 2.61 -14.66 -4.01
C GLU B 173 3.48 -15.73 -4.66
N LYS B 174 4.52 -15.32 -5.38
CA LYS B 174 5.40 -16.29 -6.04
C LYS B 174 6.20 -17.13 -5.06
N LEU B 175 6.19 -16.78 -3.78
CA LEU B 175 6.93 -17.56 -2.81
C LEU B 175 6.40 -18.99 -2.79
N LYS B 176 5.12 -19.15 -3.06
CA LYS B 176 4.53 -20.49 -3.06
C LYS B 176 5.06 -21.27 -4.26
N ASP B 177 5.22 -20.58 -5.39
CA ASP B 177 5.75 -21.22 -6.57
C ASP B 177 7.19 -21.65 -6.29
N LEU B 178 7.92 -20.85 -5.53
CA LEU B 178 9.30 -21.19 -5.19
C LEU B 178 9.33 -22.45 -4.33
N PHE B 179 8.43 -22.52 -3.35
CA PHE B 179 8.37 -23.68 -2.46
C PHE B 179 8.07 -24.96 -3.26
N THR B 180 7.21 -24.85 -4.25
CA THR B 180 6.85 -25.96 -5.11
C THR B 180 8.07 -26.37 -5.92
N GLU B 181 8.79 -25.38 -6.45
CA GLU B 181 9.98 -25.67 -7.23
C GLU B 181 11.10 -26.21 -6.34
N LEU B 182 11.16 -25.75 -5.10
CA LEU B 182 12.20 -26.17 -4.15
C LEU B 182 12.08 -27.65 -3.77
N GLN B 183 10.85 -28.10 -3.53
CA GLN B 183 10.61 -29.49 -3.14
C GLN B 183 11.01 -30.51 -4.19
N LYS B 184 10.93 -30.11 -5.46
CA LYS B 184 11.28 -31.00 -6.56
C LYS B 184 12.75 -31.38 -6.46
N LYS B 185 13.47 -30.73 -5.57
CA LYS B 185 14.90 -30.99 -5.40
C LYS B 185 15.18 -31.76 -4.13
N ILE B 186 14.13 -32.28 -3.51
CA ILE B 186 14.28 -33.05 -2.28
C ILE B 186 14.46 -34.52 -2.62
N TYR B 187 15.54 -35.11 -2.14
CA TYR B 187 15.83 -36.52 -2.41
C TYR B 187 16.45 -37.23 -1.21
N VAL B 188 16.22 -38.54 -1.15
CA VAL B 188 16.78 -39.38 -0.10
C VAL B 188 18.09 -39.93 -0.65
N ILE B 189 19.21 -39.31 -0.29
CA ILE B 189 20.50 -39.77 -0.80
C ILE B 189 21.40 -40.20 0.35
N GLU B 190 21.96 -41.40 0.22
CA GLU B 190 22.86 -41.93 1.26
C GLU B 190 24.28 -42.04 0.75
N GLY B 191 24.40 -42.36 -0.54
CA GLY B 191 25.70 -42.50 -1.16
C GLY B 191 25.75 -41.87 -2.55
N GLY C 8 -25.89 3.88 3.68
CA GLY C 8 -25.42 5.20 3.11
C GLY C 8 -23.91 5.40 3.11
N ASN C 9 -23.48 6.65 3.03
CA ASN C 9 -22.06 6.98 3.00
C ASN C 9 -21.45 7.09 4.37
N VAL C 10 -20.14 6.86 4.47
CA VAL C 10 -19.46 6.96 5.75
C VAL C 10 -18.15 7.74 5.66
N ASP C 11 -18.04 8.80 6.45
CA ASP C 11 -16.83 9.61 6.49
C ASP C 11 -16.12 9.28 7.78
N LEU C 12 -14.99 8.60 7.64
CA LEU C 12 -14.20 8.17 8.78
C LEU C 12 -12.85 8.86 8.86
N VAL C 13 -12.55 9.40 10.05
CA VAL C 13 -11.30 10.08 10.27
C VAL C 13 -10.42 9.32 11.25
N PHE C 14 -9.14 9.20 10.91
CA PHE C 14 -8.18 8.54 11.78
C PHE C 14 -7.43 9.64 12.53
N LEU C 15 -7.52 9.63 13.86
CA LEU C 15 -6.83 10.61 14.70
C LEU C 15 -5.77 9.89 15.52
N PHE C 16 -4.55 9.84 14.99
CA PHE C 16 -3.46 9.12 15.64
C PHE C 16 -2.45 9.93 16.43
N ASP C 17 -2.04 9.33 17.54
CA ASP C 17 -1.09 9.86 18.50
C ASP C 17 0.30 9.97 17.88
N GLY C 18 0.95 11.11 18.09
CA GLY C 18 2.29 11.30 17.56
C GLY C 18 3.24 11.76 18.65
N SER C 19 2.89 11.46 19.91
CA SER C 19 3.72 11.83 21.06
C SER C 19 5.18 11.33 21.01
N MET C 20 6.05 11.94 21.82
CA MET C 20 7.44 11.57 21.86
C MET C 20 7.64 10.18 22.46
N SER C 21 6.61 9.68 23.16
CA SER C 21 6.72 8.36 23.79
C SER C 21 6.83 7.25 22.75
N LEU C 22 6.19 7.45 21.61
CA LEU C 22 6.20 6.49 20.54
C LEU C 22 7.57 6.25 19.88
N GLN C 23 8.00 4.99 19.90
CA GLN C 23 9.25 4.58 19.27
C GLN C 23 8.96 4.55 17.78
N PRO C 24 10.00 4.73 16.95
CA PRO C 24 9.83 4.73 15.49
C PRO C 24 9.01 3.57 14.95
N ASP C 25 9.38 2.35 15.31
CA ASP C 25 8.64 1.20 14.83
C ASP C 25 7.19 1.20 15.30
N GLU C 26 6.92 1.66 16.52
CA GLU C 26 5.56 1.68 17.05
C GLU C 26 4.68 2.66 16.29
N PHE C 27 5.26 3.81 15.98
CA PHE C 27 4.58 4.86 15.25
C PHE C 27 4.20 4.27 13.88
N GLN C 28 5.17 3.62 13.25
CA GLN C 28 4.99 2.99 11.96
C GLN C 28 3.90 1.92 12.00
N LYS C 29 3.79 1.19 13.11
CA LYS C 29 2.78 0.16 13.22
C LYS C 29 1.37 0.78 13.23
N ILE C 30 1.27 1.96 13.82
CA ILE C 30 0.00 2.68 13.89
C ILE C 30 -0.42 3.08 12.47
N LEU C 31 0.55 3.52 11.67
CA LEU C 31 0.27 3.92 10.29
C LEU C 31 -0.12 2.70 9.43
N ASP C 32 0.57 1.57 9.60
CA ASP C 32 0.24 0.38 8.81
C ASP C 32 -1.16 -0.13 9.13
N PHE C 33 -1.54 -0.03 10.40
CA PHE C 33 -2.86 -0.45 10.81
C PHE C 33 -3.90 0.40 10.08
N MET C 34 -3.70 1.72 10.09
CA MET C 34 -4.65 2.60 9.41
C MET C 34 -4.78 2.21 7.94
N LYS C 35 -3.64 1.95 7.29
CA LYS C 35 -3.63 1.55 5.88
C LYS C 35 -4.41 0.24 5.65
N ASP C 36 -4.18 -0.75 6.52
CA ASP C 36 -4.87 -2.03 6.39
C ASP C 36 -6.37 -1.82 6.45
N VAL C 37 -6.83 -0.96 7.34
CA VAL C 37 -8.27 -0.74 7.45
C VAL C 37 -8.77 -0.09 6.16
N MET C 38 -8.07 0.95 5.70
CA MET C 38 -8.47 1.62 4.47
C MET C 38 -8.43 0.69 3.24
N LYS C 39 -7.37 -0.10 3.11
CA LYS C 39 -7.27 -1.00 1.98
C LYS C 39 -8.44 -1.99 1.94
N LYS C 40 -8.77 -2.56 3.09
CA LYS C 40 -9.87 -3.50 3.16
C LYS C 40 -11.19 -2.85 2.80
N LEU C 41 -11.39 -1.60 3.21
CA LEU C 41 -12.62 -0.91 2.91
C LEU C 41 -12.58 -0.01 1.67
N SER C 42 -11.65 -0.28 0.77
CA SER C 42 -11.52 0.51 -0.45
C SER C 42 -12.64 0.19 -1.45
N ASN C 43 -12.95 1.14 -2.33
CA ASN C 43 -13.98 0.94 -3.35
C ASN C 43 -15.36 0.74 -2.74
N THR C 44 -15.55 1.25 -1.54
CA THR C 44 -16.84 1.12 -0.87
C THR C 44 -17.42 2.53 -0.71
N SER C 45 -18.43 2.65 0.13
CA SER C 45 -19.08 3.92 0.37
C SER C 45 -18.30 4.73 1.42
N TYR C 46 -17.13 4.22 1.80
CA TYR C 46 -16.30 4.88 2.80
C TYR C 46 -15.33 5.89 2.22
N GLN C 47 -15.04 6.92 3.01
CA GLN C 47 -14.09 7.95 2.61
C GLN C 47 -13.26 8.21 3.85
N PHE C 48 -11.96 8.44 3.68
CA PHE C 48 -11.12 8.64 4.84
C PHE C 48 -10.33 9.95 4.88
N ALA C 49 -9.83 10.25 6.08
CA ALA C 49 -9.02 11.41 6.34
C ALA C 49 -8.19 11.01 7.56
N ALA C 50 -6.95 11.46 7.62
CA ALA C 50 -6.11 11.13 8.76
C ALA C 50 -5.48 12.37 9.35
N VAL C 51 -5.49 12.43 10.68
CA VAL C 51 -4.95 13.56 11.40
C VAL C 51 -4.01 13.11 12.51
N GLN C 52 -2.81 13.68 12.52
CA GLN C 52 -1.85 13.34 13.56
C GLN C 52 -1.91 14.38 14.66
N PHE C 53 -1.83 13.94 15.91
CA PHE C 53 -1.84 14.90 17.00
C PHE C 53 -0.78 14.61 18.05
N SER C 54 -0.28 15.68 18.63
CA SER C 54 0.70 15.62 19.69
C SER C 54 0.48 16.91 20.49
N THR C 55 1.37 17.89 20.40
CA THR C 55 1.11 19.14 21.13
C THR C 55 0.08 19.87 20.27
N SER C 56 0.35 19.93 18.97
CA SER C 56 -0.60 20.54 18.05
C SER C 56 -1.12 19.45 17.12
N TYR C 57 -1.76 19.86 16.02
CA TYR C 57 -2.38 18.93 15.07
C TYR C 57 -2.10 19.17 13.62
N LYS C 58 -2.26 18.14 12.80
CA LYS C 58 -2.04 18.26 11.37
C LYS C 58 -2.81 17.23 10.57
N THR C 59 -3.58 17.69 9.59
CA THR C 59 -4.33 16.77 8.75
C THR C 59 -3.37 16.24 7.67
N GLU C 60 -2.91 15.00 7.82
CA GLU C 60 -1.98 14.44 6.86
C GLU C 60 -2.61 14.31 5.48
N PHE C 61 -3.92 14.11 5.45
CA PHE C 61 -4.66 14.07 4.19
C PHE C 61 -6.14 14.12 4.53
N ASP C 62 -6.91 14.83 3.70
CA ASP C 62 -8.33 14.96 3.96
C ASP C 62 -9.15 14.16 2.94
N PHE C 63 -10.46 14.16 3.13
CA PHE C 63 -11.37 13.42 2.25
C PHE C 63 -11.15 13.69 0.77
N SER C 64 -11.01 14.96 0.42
CA SER C 64 -10.79 15.33 -0.96
C SER C 64 -9.52 14.65 -1.50
N ASP C 65 -8.49 14.57 -0.67
CA ASP C 65 -7.23 13.95 -1.05
C ASP C 65 -7.43 12.45 -1.32
N TYR C 66 -8.23 11.80 -0.46
CA TYR C 66 -8.51 10.37 -0.59
C TYR C 66 -9.21 10.06 -1.90
N VAL C 67 -10.24 10.84 -2.19
CA VAL C 67 -11.02 10.67 -3.41
C VAL C 67 -10.18 10.77 -4.66
N LYS C 68 -9.28 11.75 -4.69
CA LYS C 68 -8.45 11.93 -5.86
C LYS C 68 -7.33 10.92 -5.98
N ARG C 69 -6.78 10.48 -4.86
CA ARG C 69 -5.67 9.54 -4.89
C ARG C 69 -6.02 8.10 -4.52
N LYS C 70 -6.82 7.92 -3.48
CA LYS C 70 -7.24 6.58 -3.03
C LYS C 70 -6.13 5.76 -2.38
N ASP C 71 -4.99 5.62 -3.06
CA ASP C 71 -3.86 4.85 -2.53
C ASP C 71 -3.47 5.24 -1.10
N PRO C 72 -3.74 4.37 -0.12
CA PRO C 72 -3.42 4.62 1.30
C PRO C 72 -1.94 4.81 1.58
N ASP C 73 -1.09 4.01 0.95
CA ASP C 73 0.34 4.13 1.13
C ASP C 73 0.87 5.50 0.72
N ALA C 74 0.31 6.05 -0.35
CA ALA C 74 0.74 7.34 -0.86
C ALA C 74 0.24 8.49 0.00
N LEU C 75 -0.97 8.35 0.54
CA LEU C 75 -1.58 9.37 1.38
C LEU C 75 -0.83 9.53 2.71
N LEU C 76 -0.21 8.45 3.16
CA LEU C 76 0.51 8.48 4.43
C LEU C 76 1.99 8.27 4.25
N LYS C 77 2.55 8.81 3.17
CA LYS C 77 3.97 8.64 2.93
C LYS C 77 4.80 9.82 3.42
N HIS C 78 4.17 10.98 3.58
CA HIS C 78 4.89 12.16 4.01
C HIS C 78 4.53 12.59 5.44
N VAL C 79 4.32 11.60 6.30
CA VAL C 79 3.97 11.85 7.70
C VAL C 79 5.21 12.00 8.57
N LYS C 80 5.29 13.11 9.30
CA LYS C 80 6.44 13.33 10.18
C LYS C 80 5.99 13.20 11.63
N HIS C 81 6.63 12.27 12.34
CA HIS C 81 6.33 12.03 13.75
C HIS C 81 6.65 13.31 14.54
N MET C 82 5.60 13.93 15.08
CA MET C 82 5.73 15.17 15.85
C MET C 82 6.61 15.06 17.11
N LEU C 83 6.55 13.90 17.78
CA LEU C 83 7.36 13.68 18.96
C LEU C 83 7.18 14.71 20.09
N LEU C 84 5.94 15.14 20.32
CA LEU C 84 5.71 16.10 21.39
C LEU C 84 4.75 15.56 22.45
N LEU C 85 3.77 16.37 22.85
CA LEU C 85 2.84 15.96 23.90
C LEU C 85 1.58 15.27 23.39
N THR C 86 0.58 15.14 24.26
CA THR C 86 -0.65 14.44 23.89
C THR C 86 -1.90 15.25 24.21
N ASN C 87 -2.10 16.35 23.48
CA ASN C 87 -3.29 17.17 23.71
C ASN C 87 -4.49 16.60 22.99
N THR C 88 -4.99 15.50 23.55
CA THR C 88 -6.11 14.78 22.99
C THR C 88 -7.40 15.61 22.84
N PHE C 89 -7.75 16.39 23.87
CA PHE C 89 -8.95 17.23 23.81
C PHE C 89 -8.95 18.17 22.62
N GLY C 90 -7.89 18.96 22.51
CA GLY C 90 -7.79 19.89 21.40
C GLY C 90 -7.78 19.21 20.05
N ALA C 91 -7.23 17.99 20.00
CA ALA C 91 -7.15 17.25 18.75
C ALA C 91 -8.52 16.89 18.23
N ILE C 92 -9.36 16.38 19.13
CA ILE C 92 -10.71 15.99 18.77
C ILE C 92 -11.49 17.22 18.31
N ASN C 93 -11.39 18.32 19.06
CA ASN C 93 -12.09 19.53 18.67
C ASN C 93 -11.66 19.97 17.28
N TYR C 94 -10.37 19.86 17.00
CA TYR C 94 -9.83 20.24 15.71
C TYR C 94 -10.45 19.33 14.63
N VAL C 95 -10.62 18.05 14.92
CA VAL C 95 -11.23 17.15 13.94
C VAL C 95 -12.67 17.54 13.67
N ALA C 96 -13.42 17.87 14.71
CA ALA C 96 -14.83 18.24 14.55
C ALA C 96 -15.09 19.59 13.89
N THR C 97 -14.13 20.51 13.95
CA THR C 97 -14.34 21.83 13.37
C THR C 97 -13.40 22.23 12.24
N GLU C 98 -12.40 21.39 11.94
CA GLU C 98 -11.45 21.70 10.88
C GLU C 98 -11.25 20.57 9.87
N VAL C 99 -11.83 19.41 10.12
CA VAL C 99 -11.68 18.28 9.21
C VAL C 99 -13.02 17.88 8.59
N PHE C 100 -14.04 17.68 9.42
CA PHE C 100 -15.36 17.34 8.88
C PHE C 100 -16.03 18.55 8.25
N ARG C 101 -15.61 18.90 7.04
CA ARG C 101 -16.15 20.05 6.32
C ARG C 101 -16.29 19.79 4.81
N GLU C 102 -17.35 20.31 4.20
CA GLU C 102 -17.55 20.14 2.76
C GLU C 102 -16.39 20.71 1.95
N GLU C 103 -15.78 21.79 2.43
CA GLU C 103 -14.65 22.39 1.74
C GLU C 103 -13.51 21.37 1.60
N LEU C 104 -13.50 20.37 2.48
CA LEU C 104 -12.44 19.37 2.46
C LEU C 104 -12.90 17.99 1.99
N GLY C 105 -13.99 17.96 1.21
CA GLY C 105 -14.50 16.71 0.67
C GLY C 105 -15.44 15.90 1.54
N ALA C 106 -15.79 16.42 2.73
CA ALA C 106 -16.70 15.69 3.60
C ALA C 106 -18.09 15.73 2.97
N ARG C 107 -18.81 14.62 3.06
CA ARG C 107 -20.15 14.54 2.49
C ARG C 107 -21.19 14.85 3.57
N PRO C 108 -22.08 15.81 3.30
CA PRO C 108 -23.10 16.20 4.29
C PRO C 108 -24.01 15.05 4.74
N ASP C 109 -24.30 14.12 3.84
CA ASP C 109 -25.17 13.01 4.19
C ASP C 109 -24.45 11.90 4.97
N ALA C 110 -23.13 11.84 4.83
CA ALA C 110 -22.34 10.80 5.50
C ALA C 110 -22.46 10.73 7.01
N THR C 111 -22.29 9.51 7.53
CA THR C 111 -22.30 9.24 8.95
C THR C 111 -20.86 9.52 9.39
N LYS C 112 -20.68 10.44 10.34
CA LYS C 112 -19.34 10.78 10.82
C LYS C 112 -18.79 9.77 11.80
N VAL C 113 -17.55 9.33 11.54
CA VAL C 113 -16.89 8.36 12.39
C VAL C 113 -15.46 8.81 12.69
N LEU C 114 -15.00 8.57 13.91
CA LEU C 114 -13.67 8.97 14.29
C LEU C 114 -13.02 7.83 15.07
N ILE C 115 -11.83 7.42 14.62
CA ILE C 115 -11.08 6.36 15.26
C ILE C 115 -9.82 6.99 15.85
N ILE C 116 -9.75 7.08 17.17
CA ILE C 116 -8.59 7.68 17.85
C ILE C 116 -7.62 6.60 18.30
N ILE C 117 -6.34 6.83 18.05
CA ILE C 117 -5.30 5.88 18.43
C ILE C 117 -4.24 6.57 19.26
N THR C 118 -4.14 6.22 20.54
CA THR C 118 -3.20 6.87 21.43
C THR C 118 -2.38 5.89 22.28
N ASP C 119 -1.24 6.36 22.78
CA ASP C 119 -0.38 5.52 23.61
C ASP C 119 -0.14 6.12 24.99
N GLY C 120 -0.89 7.18 25.31
CA GLY C 120 -0.75 7.81 26.62
C GLY C 120 -1.96 8.64 27.00
N GLU C 121 -2.01 9.02 28.26
CA GLU C 121 -3.09 9.84 28.78
C GLU C 121 -2.95 11.25 28.21
N ALA C 122 -4.08 11.90 27.97
CA ALA C 122 -4.09 13.27 27.44
C ALA C 122 -3.32 14.21 28.38
N THR C 123 -2.66 15.21 27.80
CA THR C 123 -1.88 16.18 28.54
C THR C 123 -2.59 17.53 28.62
N ASP C 124 -3.84 17.56 28.17
CA ASP C 124 -4.64 18.79 28.21
C ASP C 124 -6.00 18.47 28.81
N SER C 125 -6.83 19.49 28.96
CA SER C 125 -8.16 19.30 29.52
C SER C 125 -9.15 20.16 28.78
N GLY C 126 -10.42 19.98 29.08
CA GLY C 126 -11.47 20.74 28.43
C GLY C 126 -12.66 19.84 28.23
N ASN C 127 -13.28 19.93 27.05
CA ASN C 127 -14.44 19.09 26.73
C ASN C 127 -14.46 18.85 25.23
N ILE C 128 -15.16 17.80 24.83
CA ILE C 128 -15.26 17.45 23.41
C ILE C 128 -16.69 17.55 22.91
N ASP C 129 -17.45 18.50 23.45
CA ASP C 129 -18.84 18.68 23.05
C ASP C 129 -19.03 18.90 21.56
N ALA C 130 -18.08 19.58 20.93
CA ALA C 130 -18.16 19.88 19.51
C ALA C 130 -18.19 18.61 18.64
N ALA C 131 -17.86 17.47 19.23
CA ALA C 131 -17.85 16.20 18.49
C ALA C 131 -18.90 15.19 18.94
N LYS C 132 -19.87 15.61 19.74
CA LYS C 132 -20.92 14.70 20.23
C LYS C 132 -21.57 13.89 19.12
N ASP C 133 -21.87 14.57 18.02
CA ASP C 133 -22.53 13.93 16.88
C ASP C 133 -21.62 13.01 16.05
N ILE C 134 -20.44 12.74 16.58
CA ILE C 134 -19.50 11.86 15.90
C ILE C 134 -19.37 10.54 16.67
N ILE C 135 -19.46 9.43 15.95
CA ILE C 135 -19.31 8.10 16.56
C ILE C 135 -17.81 8.01 16.82
N ARG C 136 -17.43 7.86 18.08
CA ARG C 136 -16.02 7.83 18.43
C ARG C 136 -15.47 6.55 19.04
N TYR C 137 -14.43 6.01 18.42
CA TYR C 137 -13.76 4.82 18.95
C TYR C 137 -12.37 5.22 19.38
N ILE C 138 -11.83 4.54 20.38
CA ILE C 138 -10.50 4.86 20.84
C ILE C 138 -9.74 3.58 21.21
N ILE C 139 -8.49 3.55 20.79
CA ILE C 139 -7.61 2.42 21.03
C ILE C 139 -6.43 2.93 21.86
N GLY C 140 -6.25 2.34 23.04
CA GLY C 140 -5.18 2.72 23.93
C GLY C 140 -4.16 1.60 23.86
N ILE C 141 -2.91 1.94 23.62
CA ILE C 141 -1.88 0.95 23.48
C ILE C 141 -0.69 1.21 24.40
N GLY C 142 -0.03 0.14 24.84
CA GLY C 142 1.16 0.30 25.66
C GLY C 142 1.06 0.16 27.15
N LYS C 143 2.23 0.29 27.78
CA LYS C 143 2.30 0.17 29.21
C LYS C 143 1.70 1.38 29.94
N HIS C 144 1.50 2.50 29.25
CA HIS C 144 0.91 3.68 29.88
C HIS C 144 -0.54 3.42 30.26
N PHE C 145 -1.06 2.30 29.78
CA PHE C 145 -2.43 1.90 30.10
C PHE C 145 -2.40 0.56 30.86
N GLN C 146 -1.45 0.40 31.77
CA GLN C 146 -1.37 -0.85 32.53
C GLN C 146 -2.44 -0.93 33.61
N THR C 147 -2.67 0.16 34.33
CA THR C 147 -3.67 0.19 35.39
C THR C 147 -5.07 0.42 34.82
N LYS C 148 -6.09 -0.04 35.53
CA LYS C 148 -7.44 0.16 35.09
C LYS C 148 -7.77 1.67 35.14
N GLU C 149 -7.22 2.34 36.13
CA GLU C 149 -7.45 3.79 36.28
C GLU C 149 -7.02 4.56 35.03
N SER C 150 -5.89 4.18 34.44
CA SER C 150 -5.41 4.88 33.24
C SER C 150 -6.31 4.64 32.04
N GLN C 151 -6.77 3.40 31.90
CA GLN C 151 -7.65 3.01 30.82
C GLN C 151 -8.95 3.79 30.87
N GLU C 152 -9.49 3.94 32.08
CA GLU C 152 -10.74 4.65 32.28
C GLU C 152 -10.69 6.07 31.72
N THR C 153 -9.54 6.73 31.85
CA THR C 153 -9.42 8.10 31.38
C THR C 153 -9.72 8.27 29.89
N LEU C 154 -9.76 7.17 29.15
CA LEU C 154 -10.04 7.25 27.72
C LEU C 154 -11.53 7.21 27.44
N HIS C 155 -12.31 6.70 28.41
CA HIS C 155 -13.76 6.60 28.22
C HIS C 155 -14.45 7.91 27.83
N LYS C 156 -14.01 9.03 28.37
CA LYS C 156 -14.64 10.31 28.05
C LYS C 156 -14.49 10.75 26.61
N PHE C 157 -13.55 10.16 25.88
CA PHE C 157 -13.34 10.54 24.50
C PHE C 157 -14.15 9.69 23.52
N ALA C 158 -14.45 8.46 23.92
CA ALA C 158 -15.19 7.52 23.07
C ALA C 158 -16.69 7.53 23.33
N SER C 159 -17.46 6.98 22.40
CA SER C 159 -18.91 6.94 22.57
C SER C 159 -19.24 5.86 23.60
N LYS C 160 -20.49 5.77 24.00
CA LYS C 160 -20.88 4.76 24.99
C LYS C 160 -21.71 3.66 24.32
N PRO C 161 -21.64 2.44 24.86
CA PRO C 161 -20.83 2.02 26.02
C PRO C 161 -19.33 1.87 25.77
N ALA C 162 -18.54 1.98 26.83
CA ALA C 162 -17.09 1.86 26.76
C ALA C 162 -16.63 0.49 26.28
N SER C 163 -17.40 -0.55 26.61
CA SER C 163 -17.08 -1.91 26.21
C SER C 163 -17.16 -2.09 24.69
N GLU C 164 -17.82 -1.16 24.02
CA GLU C 164 -17.94 -1.22 22.57
C GLU C 164 -17.05 -0.21 21.85
N PHE C 165 -16.83 0.96 22.43
CA PHE C 165 -16.01 1.95 21.75
C PHE C 165 -14.62 2.19 22.32
N VAL C 166 -14.21 1.35 23.26
CA VAL C 166 -12.89 1.49 23.85
C VAL C 166 -12.10 0.18 23.88
N LYS C 167 -11.00 0.15 23.13
CA LYS C 167 -10.14 -1.03 23.06
C LYS C 167 -8.79 -0.74 23.70
N ILE C 168 -8.37 -1.63 24.59
CA ILE C 168 -7.10 -1.51 25.28
C ILE C 168 -6.15 -2.61 24.79
N LEU C 169 -5.04 -2.21 24.17
CA LEU C 169 -4.05 -3.14 23.66
C LEU C 169 -2.79 -3.04 24.51
N ASP C 170 -2.31 -4.17 25.02
CA ASP C 170 -1.12 -4.15 25.86
C ASP C 170 0.19 -3.99 25.05
N THR C 171 0.15 -4.29 23.76
CA THR C 171 1.33 -4.13 22.92
C THR C 171 0.90 -3.69 21.52
N PHE C 172 1.81 -3.06 20.79
CA PHE C 172 1.50 -2.60 19.45
C PHE C 172 1.29 -3.76 18.49
N GLU C 173 1.84 -4.92 18.85
CA GLU C 173 1.72 -6.12 18.05
C GLU C 173 0.28 -6.55 18.04
N LYS C 174 -0.48 -6.20 19.07
CA LYS C 174 -1.89 -6.60 19.12
C LYS C 174 -2.75 -5.88 18.09
N LEU C 175 -2.19 -4.87 17.42
CA LEU C 175 -2.94 -4.15 16.40
C LEU C 175 -3.36 -5.13 15.31
N LYS C 176 -2.53 -6.15 15.07
CA LYS C 176 -2.83 -7.15 14.05
C LYS C 176 -4.04 -7.97 14.51
N ASP C 177 -4.07 -8.29 15.80
CA ASP C 177 -5.18 -9.06 16.34
C ASP C 177 -6.45 -8.23 16.21
N LEU C 178 -6.34 -6.91 16.40
CA LEU C 178 -7.50 -6.03 16.29
C LEU C 178 -8.03 -6.05 14.85
N PHE C 179 -7.12 -5.98 13.88
CA PHE C 179 -7.50 -5.99 12.48
C PHE C 179 -8.24 -7.27 12.11
N THR C 180 -7.80 -8.40 12.64
CA THR C 180 -8.45 -9.66 12.33
C THR C 180 -9.82 -9.68 13.01
N GLU C 181 -9.89 -9.13 14.21
CA GLU C 181 -11.17 -9.09 14.93
C GLU C 181 -12.14 -8.11 14.25
N LEU C 182 -11.59 -7.03 13.71
CA LEU C 182 -12.39 -6.00 13.03
C LEU C 182 -13.03 -6.52 11.73
N GLN C 183 -12.29 -7.31 10.95
CA GLN C 183 -12.80 -7.81 9.70
C GLN C 183 -13.99 -8.77 9.87
N LYS C 184 -14.01 -9.48 10.99
CA LYS C 184 -15.10 -10.42 11.25
C LYS C 184 -16.43 -9.67 11.30
N LYS C 185 -16.35 -8.35 11.30
CA LYS C 185 -17.54 -7.50 11.36
C LYS C 185 -17.88 -6.87 10.03
N ILE C 186 -17.23 -7.32 8.96
CA ILE C 186 -17.48 -6.79 7.63
C ILE C 186 -18.55 -7.61 6.94
N TYR C 187 -19.61 -6.92 6.49
CA TYR C 187 -20.71 -7.59 5.83
C TYR C 187 -21.26 -6.79 4.68
N VAL C 188 -21.84 -7.48 3.71
CA VAL C 188 -22.46 -6.81 2.57
C VAL C 188 -23.94 -6.71 2.91
N ILE C 189 -24.36 -5.55 3.39
CA ILE C 189 -25.75 -5.35 3.76
C ILE C 189 -26.38 -4.27 2.88
N GLU C 190 -27.56 -4.57 2.36
CA GLU C 190 -28.27 -3.60 1.51
C GLU C 190 -29.56 -3.16 2.16
N GLY C 191 -30.18 -4.11 2.85
CA GLY C 191 -31.43 -3.84 3.54
C GLY C 191 -31.57 -4.50 4.91
N GLY D 8 -23.35 -12.07 12.81
CA GLY D 8 -23.02 -13.55 12.91
C GLY D 8 -22.23 -14.10 11.73
N ASN D 9 -22.25 -15.41 11.55
CA ASN D 9 -21.51 -16.03 10.47
C ASN D 9 -22.37 -16.17 9.22
N VAL D 10 -21.73 -16.24 8.08
CA VAL D 10 -22.48 -16.39 6.85
C VAL D 10 -21.87 -17.42 5.89
N ASP D 11 -22.69 -18.42 5.54
CA ASP D 11 -22.26 -19.46 4.61
C ASP D 11 -22.86 -19.11 3.26
N LEU D 12 -22.00 -18.78 2.31
CA LEU D 12 -22.43 -18.39 0.98
C LEU D 12 -21.96 -19.39 -0.10
N VAL D 13 -22.90 -19.83 -0.92
CA VAL D 13 -22.62 -20.78 -1.98
C VAL D 13 -22.78 -20.13 -3.36
N PHE D 14 -21.79 -20.30 -4.22
CA PHE D 14 -21.84 -19.79 -5.59
C PHE D 14 -22.30 -20.94 -6.47
N LEU D 15 -23.43 -20.77 -7.15
CA LEU D 15 -23.98 -21.80 -8.04
C LEU D 15 -23.92 -21.25 -9.47
N PHE D 16 -22.84 -21.55 -10.17
CA PHE D 16 -22.65 -21.03 -11.52
C PHE D 16 -22.96 -21.96 -12.69
N ASP D 17 -23.53 -21.34 -13.73
CA ASP D 17 -23.93 -21.99 -14.98
C ASP D 17 -22.71 -22.48 -15.73
N GLY D 18 -22.81 -23.71 -16.24
CA GLY D 18 -21.72 -24.27 -17.02
C GLY D 18 -22.24 -24.84 -18.34
N SER D 19 -23.35 -24.32 -18.82
CA SER D 19 -23.96 -24.79 -20.07
C SER D 19 -23.05 -24.62 -21.29
N MET D 20 -23.40 -25.32 -22.38
CA MET D 20 -22.60 -25.24 -23.59
C MET D 20 -22.69 -23.88 -24.27
N SER D 21 -23.69 -23.09 -23.90
CA SER D 21 -23.85 -21.76 -24.50
C SER D 21 -22.67 -20.86 -24.16
N LEU D 22 -22.13 -21.03 -22.95
CA LEU D 22 -21.02 -20.22 -22.50
C LEU D 22 -19.72 -20.43 -23.26
N GLN D 23 -19.19 -19.33 -23.77
CA GLN D 23 -17.94 -19.33 -24.51
C GLN D 23 -16.84 -19.39 -23.46
N PRO D 24 -15.67 -19.96 -23.81
CA PRO D 24 -14.54 -20.07 -22.89
C PRO D 24 -14.28 -18.82 -22.06
N ASP D 25 -14.09 -17.69 -22.73
CA ASP D 25 -13.81 -16.45 -22.00
C ASP D 25 -14.96 -16.02 -21.08
N GLU D 26 -16.20 -16.27 -21.48
CA GLU D 26 -17.34 -15.87 -20.65
C GLU D 26 -17.41 -16.73 -19.38
N PHE D 27 -17.12 -18.02 -19.53
CA PHE D 27 -17.14 -18.93 -18.40
C PHE D 27 -16.06 -18.44 -17.44
N GLN D 28 -14.89 -18.14 -17.99
CA GLN D 28 -13.79 -17.65 -17.18
C GLN D 28 -14.13 -16.35 -16.46
N LYS D 29 -14.93 -15.49 -17.09
CA LYS D 29 -15.28 -14.23 -16.42
C LYS D 29 -16.20 -14.47 -15.22
N ILE D 30 -17.01 -15.52 -15.30
CA ILE D 30 -17.92 -15.88 -14.22
C ILE D 30 -17.08 -16.35 -13.02
N LEU D 31 -16.01 -17.09 -13.30
CA LEU D 31 -15.14 -17.58 -12.23
C LEU D 31 -14.36 -16.42 -11.61
N ASP D 32 -13.88 -15.49 -12.43
CA ASP D 32 -13.13 -14.35 -11.92
C ASP D 32 -13.99 -13.49 -10.98
N PHE D 33 -15.25 -13.31 -11.37
CA PHE D 33 -16.21 -12.55 -10.57
C PHE D 33 -16.34 -13.21 -9.19
N MET D 34 -16.50 -14.53 -9.17
CA MET D 34 -16.63 -15.24 -7.91
C MET D 34 -15.42 -14.99 -7.03
N LYS D 35 -14.23 -15.12 -7.60
CA LYS D 35 -12.98 -14.89 -6.89
C LYS D 35 -12.91 -13.49 -6.31
N ASP D 36 -13.26 -12.49 -7.11
CA ASP D 36 -13.23 -11.09 -6.66
C ASP D 36 -14.09 -10.93 -5.42
N VAL D 37 -15.28 -11.52 -5.45
CA VAL D 37 -16.17 -11.43 -4.31
C VAL D 37 -15.52 -12.07 -3.10
N MET D 38 -15.02 -13.28 -3.28
CA MET D 38 -14.36 -14.01 -2.21
C MET D 38 -13.14 -13.27 -1.66
N LYS D 39 -12.28 -12.79 -2.55
CA LYS D 39 -11.08 -12.08 -2.12
C LYS D 39 -11.42 -10.85 -1.26
N LYS D 40 -12.39 -10.06 -1.69
CA LYS D 40 -12.79 -8.87 -0.96
C LYS D 40 -13.36 -9.23 0.41
N LEU D 41 -14.11 -10.33 0.51
CA LEU D 41 -14.67 -10.72 1.78
C LEU D 41 -13.85 -11.77 2.54
N SER D 42 -12.55 -11.84 2.26
CA SER D 42 -11.69 -12.81 2.94
C SER D 42 -11.36 -12.34 4.36
N ASN D 43 -11.03 -13.30 5.24
CA ASN D 43 -10.69 -13.02 6.63
C ASN D 43 -11.85 -12.39 7.38
N THR D 44 -13.06 -12.68 6.93
CA THR D 44 -14.25 -12.16 7.59
C THR D 44 -14.99 -13.37 8.15
N SER D 45 -16.24 -13.15 8.55
CA SER D 45 -17.04 -14.24 9.10
C SER D 45 -17.71 -15.03 7.98
N TYR D 46 -17.33 -14.74 6.74
CA TYR D 46 -17.90 -15.45 5.60
C TYR D 46 -17.15 -16.73 5.28
N GLN D 47 -17.88 -17.68 4.72
CA GLN D 47 -17.33 -18.96 4.32
C GLN D 47 -17.95 -19.24 2.96
N PHE D 48 -17.18 -19.80 2.04
CA PHE D 48 -17.72 -20.06 0.72
C PHE D 48 -17.65 -21.51 0.24
N ALA D 49 -18.44 -21.78 -0.80
CA ALA D 49 -18.51 -23.07 -1.46
C ALA D 49 -18.98 -22.73 -2.88
N ALA D 50 -18.46 -23.45 -3.88
CA ALA D 50 -18.88 -23.19 -5.25
C ALA D 50 -19.32 -24.47 -5.94
N VAL D 51 -20.45 -24.37 -6.63
CA VAL D 51 -21.02 -25.51 -7.32
C VAL D 51 -21.32 -25.16 -8.76
N GLN D 52 -20.84 -25.98 -9.68
CA GLN D 52 -21.10 -25.75 -11.10
C GLN D 52 -22.27 -26.60 -11.53
N PHE D 53 -23.12 -26.08 -12.41
CA PHE D 53 -24.25 -26.86 -12.86
C PHE D 53 -24.51 -26.69 -14.35
N SER D 54 -25.01 -27.77 -14.94
CA SER D 54 -25.35 -27.82 -16.35
C SER D 54 -26.42 -28.91 -16.42
N THR D 55 -26.11 -30.07 -16.99
CA THR D 55 -27.11 -31.14 -17.01
C THR D 55 -27.13 -31.72 -15.60
N SER D 56 -25.92 -31.96 -15.08
CA SER D 56 -25.79 -32.46 -13.71
C SER D 56 -25.05 -31.40 -12.91
N TYR D 57 -24.63 -31.74 -11.68
CA TYR D 57 -23.94 -30.77 -10.82
C TYR D 57 -22.66 -31.30 -10.17
N LYS D 58 -21.81 -30.38 -9.72
CA LYS D 58 -20.56 -30.75 -9.07
C LYS D 58 -20.03 -29.66 -8.13
N THR D 59 -19.79 -30.03 -6.87
CA THR D 59 -19.26 -29.10 -5.88
C THR D 59 -17.77 -28.93 -6.16
N GLU D 60 -17.37 -27.83 -6.79
CA GLU D 60 -15.96 -27.63 -7.09
C GLU D 60 -15.14 -27.54 -5.82
N PHE D 61 -15.74 -27.00 -4.77
CA PHE D 61 -15.08 -26.91 -3.45
C PHE D 61 -16.14 -26.59 -2.43
N ASP D 62 -16.04 -27.21 -1.25
CA ASP D 62 -17.02 -26.97 -0.19
C ASP D 62 -16.44 -26.09 0.92
N PHE D 63 -17.27 -25.76 1.91
CA PHE D 63 -16.81 -24.90 3.01
C PHE D 63 -15.57 -25.42 3.71
N SER D 64 -15.53 -26.72 3.93
CA SER D 64 -14.37 -27.34 4.58
C SER D 64 -13.12 -27.05 3.76
N ASP D 65 -13.23 -27.13 2.44
CA ASP D 65 -12.08 -26.85 1.58
C ASP D 65 -11.61 -25.40 1.69
N TYR D 66 -12.58 -24.48 1.75
CA TYR D 66 -12.29 -23.06 1.85
C TYR D 66 -11.53 -22.72 3.13
N VAL D 67 -12.00 -23.27 4.25
CA VAL D 67 -11.38 -23.04 5.55
C VAL D 67 -9.94 -23.51 5.58
N LYS D 68 -9.70 -24.67 4.99
CA LYS D 68 -8.36 -25.22 4.99
C LYS D 68 -7.42 -24.52 4.01
N ARG D 69 -7.94 -24.10 2.87
CA ARG D 69 -7.09 -23.45 1.86
C ARG D 69 -7.24 -21.93 1.74
N LYS D 70 -8.47 -21.44 1.79
CA LYS D 70 -8.76 -20.00 1.69
C LYS D 70 -8.55 -19.42 0.28
N ASP D 71 -7.34 -19.59 -0.24
CA ASP D 71 -6.98 -19.10 -1.56
C ASP D 71 -8.03 -19.40 -2.65
N PRO D 72 -8.74 -18.36 -3.12
CA PRO D 72 -9.78 -18.45 -4.15
C PRO D 72 -9.30 -19.03 -5.48
N ASP D 73 -8.16 -18.54 -5.95
CA ASP D 73 -7.63 -19.03 -7.21
C ASP D 73 -7.31 -20.52 -7.19
N ALA D 74 -6.88 -21.02 -6.03
CA ALA D 74 -6.56 -22.43 -5.90
C ALA D 74 -7.80 -23.30 -5.82
N LEU D 75 -8.84 -22.78 -5.17
CA LEU D 75 -10.10 -23.51 -5.03
C LEU D 75 -10.83 -23.68 -6.35
N LEU D 76 -10.62 -22.76 -7.28
CA LEU D 76 -11.28 -22.84 -8.58
C LEU D 76 -10.29 -23.02 -9.71
N LYS D 77 -9.25 -23.80 -9.46
CA LYS D 77 -8.22 -24.03 -10.48
C LYS D 77 -8.50 -25.29 -11.31
N HIS D 78 -9.21 -26.24 -10.71
CA HIS D 78 -9.52 -27.49 -11.40
C HIS D 78 -10.96 -27.60 -11.88
N VAL D 79 -11.56 -26.47 -12.26
CA VAL D 79 -12.93 -26.45 -12.74
C VAL D 79 -13.02 -26.80 -14.23
N LYS D 80 -13.84 -27.80 -14.55
CA LYS D 80 -14.00 -28.23 -15.95
C LYS D 80 -15.39 -27.81 -16.45
N HIS D 81 -15.42 -26.95 -17.46
CA HIS D 81 -16.66 -26.48 -18.03
C HIS D 81 -17.45 -27.69 -18.58
N MET D 82 -18.60 -27.98 -17.96
CA MET D 82 -19.45 -29.10 -18.33
C MET D 82 -20.01 -29.04 -19.76
N LEU D 83 -20.31 -27.84 -20.25
CA LEU D 83 -20.78 -27.70 -21.61
C LEU D 83 -22.06 -28.47 -21.96
N LEU D 84 -22.98 -28.57 -21.01
CA LEU D 84 -24.23 -29.29 -21.28
C LEU D 84 -25.47 -28.40 -21.20
N LEU D 85 -26.51 -28.90 -20.57
CA LEU D 85 -27.76 -28.15 -20.44
C LEU D 85 -27.82 -27.22 -19.21
N THR D 86 -29.03 -26.81 -18.83
CA THR D 86 -29.19 -25.87 -17.73
C THR D 86 -30.29 -26.30 -16.78
N ASN D 87 -30.06 -27.36 -16.02
CA ASN D 87 -31.08 -27.84 -15.09
C ASN D 87 -31.01 -27.09 -13.77
N THR D 88 -31.42 -25.83 -13.83
CA THR D 88 -31.40 -24.94 -12.69
C THR D 88 -32.14 -25.46 -11.46
N PHE D 89 -33.34 -26.01 -11.65
CA PHE D 89 -34.12 -26.52 -10.52
C PHE D 89 -33.36 -27.57 -9.72
N GLY D 90 -32.90 -28.61 -10.42
CA GLY D 90 -32.16 -29.67 -9.76
C GLY D 90 -30.88 -29.15 -9.13
N ALA D 91 -30.27 -28.14 -9.74
CA ALA D 91 -29.03 -27.59 -9.21
C ALA D 91 -29.26 -26.95 -7.82
N ILE D 92 -30.32 -26.16 -7.70
CA ILE D 92 -30.65 -25.53 -6.44
C ILE D 92 -30.96 -26.59 -5.38
N ASN D 93 -31.78 -27.58 -5.74
CA ASN D 93 -32.11 -28.64 -4.80
C ASN D 93 -30.85 -29.34 -4.30
N TYR D 94 -29.90 -29.57 -5.21
CA TYR D 94 -28.66 -30.23 -4.85
C TYR D 94 -27.90 -29.36 -3.85
N VAL D 95 -27.94 -28.05 -4.04
CA VAL D 95 -27.24 -27.15 -3.14
C VAL D 95 -27.85 -27.21 -1.74
N ALA D 96 -29.18 -27.23 -1.67
CA ALA D 96 -29.85 -27.26 -0.38
C ALA D 96 -29.78 -28.58 0.38
N THR D 97 -29.55 -29.67 -0.34
CA THR D 97 -29.50 -30.98 0.30
C THR D 97 -28.16 -31.69 0.26
N GLU D 98 -27.20 -31.15 -0.48
CA GLU D 98 -25.91 -31.82 -0.60
C GLU D 98 -24.71 -30.90 -0.36
N VAL D 99 -24.97 -29.60 -0.21
CA VAL D 99 -23.88 -28.65 0.02
C VAL D 99 -23.97 -28.04 1.41
N PHE D 100 -25.12 -27.51 1.77
CA PHE D 100 -25.30 -26.92 3.09
C PHE D 100 -25.41 -28.01 4.16
N ARG D 101 -24.27 -28.60 4.53
CA ARG D 101 -24.24 -29.65 5.53
C ARG D 101 -23.01 -29.58 6.44
N GLU D 102 -23.18 -29.89 7.72
CA GLU D 102 -22.08 -29.87 8.67
C GLU D 102 -20.95 -30.79 8.24
N GLU D 103 -21.29 -31.92 7.62
CA GLU D 103 -20.27 -32.85 7.16
C GLU D 103 -19.32 -32.14 6.17
N LEU D 104 -19.80 -31.08 5.53
CA LEU D 104 -18.99 -30.35 4.57
C LEU D 104 -18.50 -28.99 5.04
N GLY D 105 -18.44 -28.80 6.36
CA GLY D 105 -17.96 -27.54 6.90
C GLY D 105 -18.99 -26.44 7.06
N ALA D 106 -20.25 -26.71 6.76
CA ALA D 106 -21.28 -25.68 6.92
C ALA D 106 -21.52 -25.45 8.40
N ARG D 107 -21.70 -24.20 8.80
CA ARG D 107 -21.92 -23.85 10.21
C ARG D 107 -23.41 -23.75 10.49
N PRO D 108 -23.91 -24.52 11.48
CA PRO D 108 -25.32 -24.54 11.86
C PRO D 108 -25.90 -23.16 12.19
N ASP D 109 -25.09 -22.29 12.77
CA ASP D 109 -25.54 -20.96 13.13
C ASP D 109 -25.52 -19.97 11.97
N ALA D 110 -24.71 -20.24 10.96
CA ALA D 110 -24.58 -19.34 9.82
C ALA D 110 -25.87 -19.07 9.04
N THR D 111 -25.92 -17.88 8.45
CA THR D 111 -27.04 -17.47 7.63
C THR D 111 -26.73 -18.03 6.24
N LYS D 112 -27.63 -18.83 5.69
CA LYS D 112 -27.42 -19.43 4.39
C LYS D 112 -27.69 -18.44 3.25
N VAL D 113 -26.75 -18.37 2.31
CA VAL D 113 -26.87 -17.48 1.17
C VAL D 113 -26.46 -18.22 -0.11
N LEU D 114 -27.20 -17.98 -1.19
CA LEU D 114 -26.94 -18.61 -2.46
C LEU D 114 -26.92 -17.58 -3.56
N ILE D 115 -25.84 -17.56 -4.34
CA ILE D 115 -25.73 -16.63 -5.45
C ILE D 115 -25.69 -17.44 -6.74
N ILE D 116 -26.79 -17.43 -7.49
CA ILE D 116 -26.87 -18.18 -8.74
C ILE D 116 -26.44 -17.33 -9.93
N ILE D 117 -25.64 -17.90 -10.82
CA ILE D 117 -25.16 -17.17 -11.99
C ILE D 117 -25.44 -17.99 -13.25
N THR D 118 -26.34 -17.49 -14.09
CA THR D 118 -26.69 -18.23 -15.29
C THR D 118 -26.74 -17.38 -16.57
N ASP D 119 -26.70 -18.05 -17.71
CA ASP D 119 -26.71 -17.36 -19.00
C ASP D 119 -27.88 -17.80 -19.86
N GLY D 120 -28.80 -18.59 -19.30
CA GLY D 120 -29.95 -19.06 -20.05
C GLY D 120 -31.09 -19.54 -19.16
N GLU D 121 -32.26 -19.75 -19.77
CA GLU D 121 -33.41 -20.23 -19.03
C GLU D 121 -33.20 -21.69 -18.68
N ALA D 122 -33.74 -22.09 -17.53
CA ALA D 122 -33.64 -23.46 -17.07
C ALA D 122 -34.21 -24.41 -18.10
N THR D 123 -33.65 -25.61 -18.16
CA THR D 123 -34.06 -26.65 -19.10
C THR D 123 -34.83 -27.76 -18.39
N ASP D 124 -35.09 -27.56 -17.09
CA ASP D 124 -35.83 -28.54 -16.31
C ASP D 124 -36.98 -27.85 -15.58
N SER D 125 -37.78 -28.61 -14.85
CA SER D 125 -38.88 -28.00 -14.12
C SER D 125 -38.99 -28.70 -12.78
N GLY D 126 -39.85 -28.18 -11.92
CA GLY D 126 -40.03 -28.75 -10.59
C GLY D 126 -40.27 -27.63 -9.62
N ASN D 127 -39.68 -27.73 -8.44
CA ASN D 127 -39.83 -26.71 -7.43
C ASN D 127 -38.56 -26.62 -6.61
N ILE D 128 -38.33 -25.49 -5.96
CA ILE D 128 -37.14 -25.34 -5.13
C ILE D 128 -37.52 -25.12 -3.65
N ASP D 129 -38.59 -25.77 -3.23
CA ASP D 129 -39.04 -25.65 -1.84
C ASP D 129 -37.97 -25.98 -0.81
N ALA D 130 -37.13 -26.96 -1.14
CA ALA D 130 -36.06 -27.39 -0.25
C ALA D 130 -35.08 -26.28 0.12
N ALA D 131 -35.08 -25.19 -0.64
CA ALA D 131 -34.18 -24.07 -0.34
C ALA D 131 -34.85 -22.77 0.08
N LYS D 132 -36.13 -22.84 0.46
CA LYS D 132 -36.87 -21.64 0.90
C LYS D 132 -36.11 -20.86 1.98
N ASP D 133 -35.52 -21.57 2.94
CA ASP D 133 -34.78 -20.96 4.03
C ASP D 133 -33.44 -20.38 3.63
N ILE D 134 -33.19 -20.33 2.33
CA ILE D 134 -31.93 -19.79 1.83
C ILE D 134 -32.17 -18.46 1.12
N ILE D 135 -31.34 -17.47 1.43
CA ILE D 135 -31.45 -16.15 0.78
C ILE D 135 -30.86 -16.38 -0.60
N ARG D 136 -31.67 -16.16 -1.63
CA ARG D 136 -31.26 -16.42 -3.01
C ARG D 136 -31.15 -15.24 -3.97
N TYR D 137 -29.98 -15.07 -4.54
CA TYR D 137 -29.76 -14.04 -5.54
C TYR D 137 -29.50 -14.72 -6.88
N ILE D 138 -29.86 -14.07 -7.97
CA ILE D 138 -29.62 -14.64 -9.29
C ILE D 138 -29.22 -13.53 -10.27
N ILE D 139 -28.18 -13.84 -11.04
CA ILE D 139 -27.65 -12.95 -12.04
C ILE D 139 -27.86 -13.62 -13.40
N GLY D 140 -28.56 -12.94 -14.30
CA GLY D 140 -28.83 -13.47 -15.62
C GLY D 140 -28.00 -12.64 -16.56
N ILE D 141 -27.23 -13.31 -17.40
CA ILE D 141 -26.34 -12.62 -18.31
C ILE D 141 -26.52 -13.04 -19.76
N GLY D 142 -26.29 -12.11 -20.69
CA GLY D 142 -26.37 -12.45 -22.09
C GLY D 142 -27.63 -12.15 -22.87
N LYS D 143 -27.54 -12.43 -24.16
CA LYS D 143 -28.65 -12.20 -25.06
C LYS D 143 -29.85 -13.10 -24.80
N HIS D 144 -29.65 -14.21 -24.09
CA HIS D 144 -30.76 -15.10 -23.80
C HIS D 144 -31.76 -14.45 -22.85
N PHE D 145 -31.38 -13.29 -22.32
CA PHE D 145 -32.26 -12.55 -21.43
C PHE D 145 -32.56 -11.17 -22.04
N GLN D 146 -32.77 -11.16 -23.35
CA GLN D 146 -33.08 -9.94 -24.08
C GLN D 146 -34.50 -9.43 -23.78
N THR D 147 -35.50 -10.30 -23.85
CA THR D 147 -36.88 -9.87 -23.59
C THR D 147 -37.18 -9.89 -22.10
N LYS D 148 -38.19 -9.12 -21.70
CA LYS D 148 -38.58 -9.08 -20.30
C LYS D 148 -39.13 -10.43 -19.86
N GLU D 149 -39.81 -11.10 -20.79
CA GLU D 149 -40.41 -12.40 -20.52
C GLU D 149 -39.35 -13.43 -20.07
N SER D 150 -38.18 -13.41 -20.70
CA SER D 150 -37.14 -14.36 -20.35
C SER D 150 -36.56 -14.04 -18.97
N GLN D 151 -36.38 -12.75 -18.70
CA GLN D 151 -35.85 -12.30 -17.43
C GLN D 151 -36.77 -12.70 -16.27
N GLU D 152 -38.07 -12.58 -16.47
CA GLU D 152 -39.02 -12.91 -15.43
C GLU D 152 -38.90 -14.37 -15.00
N THR D 153 -38.56 -15.26 -15.93
CA THR D 153 -38.44 -16.67 -15.60
C THR D 153 -37.42 -16.95 -14.48
N LEU D 154 -36.54 -16.01 -14.20
CA LEU D 154 -35.56 -16.22 -13.14
C LEU D 154 -36.09 -15.83 -11.76
N HIS D 155 -37.16 -15.04 -11.74
CA HIS D 155 -37.74 -14.60 -10.48
C HIS D 155 -38.11 -15.73 -9.53
N LYS D 156 -38.57 -16.85 -10.05
CA LYS D 156 -38.95 -17.98 -9.20
C LYS D 156 -37.78 -18.62 -8.47
N PHE D 157 -36.56 -18.33 -8.91
CA PHE D 157 -35.39 -18.92 -8.27
C PHE D 157 -34.83 -18.06 -7.15
N ALA D 158 -34.97 -16.75 -7.29
CA ALA D 158 -34.46 -15.81 -6.29
C ALA D 158 -35.46 -15.41 -5.21
N SER D 159 -34.99 -14.77 -4.15
CA SER D 159 -35.87 -14.34 -3.07
C SER D 159 -36.64 -13.11 -3.51
N LYS D 160 -37.64 -12.72 -2.73
CA LYS D 160 -38.43 -11.53 -3.08
C LYS D 160 -38.00 -10.34 -2.22
N PRO D 161 -38.10 -9.12 -2.75
CA PRO D 161 -38.58 -8.73 -4.08
C PRO D 161 -37.55 -9.00 -5.19
N ALA D 162 -38.04 -9.17 -6.41
CA ALA D 162 -37.18 -9.44 -7.54
C ALA D 162 -36.23 -8.27 -7.84
N SER D 163 -36.67 -7.04 -7.56
CA SER D 163 -35.82 -5.87 -7.80
C SER D 163 -34.58 -5.87 -6.91
N GLU D 164 -34.61 -6.69 -5.85
CA GLU D 164 -33.46 -6.78 -4.95
C GLU D 164 -32.64 -8.06 -5.15
N PHE D 165 -33.28 -9.17 -5.48
CA PHE D 165 -32.55 -10.41 -5.65
C PHE D 165 -32.34 -10.89 -7.09
N VAL D 166 -32.72 -10.07 -8.06
CA VAL D 166 -32.54 -10.43 -9.46
C VAL D 166 -31.82 -9.36 -10.28
N LYS D 167 -30.62 -9.70 -10.75
CA LYS D 167 -29.82 -8.79 -11.56
C LYS D 167 -29.72 -9.31 -12.99
N ILE D 168 -30.01 -8.43 -13.95
CA ILE D 168 -29.95 -8.76 -15.37
C ILE D 168 -28.80 -7.98 -16.00
N LEU D 169 -27.81 -8.71 -16.51
CA LEU D 169 -26.65 -8.10 -17.16
C LEU D 169 -26.69 -8.42 -18.64
N ASP D 170 -26.64 -7.40 -19.49
CA ASP D 170 -26.69 -7.63 -20.92
C ASP D 170 -25.38 -8.18 -21.51
N THR D 171 -24.27 -8.04 -20.80
CA THR D 171 -23.00 -8.56 -21.28
C THR D 171 -22.17 -9.05 -20.09
N PHE D 172 -21.25 -9.97 -20.34
CA PHE D 172 -20.42 -10.51 -19.28
C PHE D 172 -19.49 -9.46 -18.70
N GLU D 173 -19.19 -8.46 -19.52
CA GLU D 173 -18.34 -7.37 -19.11
C GLU D 173 -18.98 -6.60 -17.97
N LYS D 174 -20.31 -6.62 -17.89
CA LYS D 174 -20.99 -5.89 -16.82
C LYS D 174 -20.77 -6.51 -15.45
N LEU D 175 -20.17 -7.69 -15.39
CA LEU D 175 -19.92 -8.30 -14.10
C LEU D 175 -19.02 -7.40 -13.26
N LYS D 176 -18.13 -6.69 -13.93
CA LYS D 176 -17.21 -5.79 -13.24
C LYS D 176 -18.01 -4.63 -12.64
N ASP D 177 -18.99 -4.13 -13.39
CA ASP D 177 -19.82 -3.05 -12.89
C ASP D 177 -20.59 -3.57 -11.68
N LEU D 178 -20.99 -4.84 -11.71
CA LEU D 178 -21.73 -5.40 -10.59
C LEU D 178 -20.83 -5.47 -9.35
N PHE D 179 -19.57 -5.86 -9.53
CA PHE D 179 -18.63 -5.94 -8.41
C PHE D 179 -18.42 -4.56 -7.78
N THR D 180 -18.33 -3.54 -8.62
CA THR D 180 -18.14 -2.18 -8.14
C THR D 180 -19.39 -1.74 -7.36
N GLU D 181 -20.56 -2.11 -7.87
CA GLU D 181 -21.82 -1.77 -7.23
C GLU D 181 -22.00 -2.56 -5.94
N LEU D 182 -21.50 -3.79 -5.93
CA LEU D 182 -21.60 -4.68 -4.78
C LEU D 182 -20.79 -4.17 -3.58
N GLN D 183 -19.58 -3.69 -3.85
CA GLN D 183 -18.68 -3.20 -2.81
C GLN D 183 -19.21 -2.00 -2.05
N LYS D 184 -20.00 -1.18 -2.75
CA LYS D 184 -20.58 0.01 -2.14
C LYS D 184 -21.50 -0.37 -0.98
N LYS D 185 -21.75 -1.66 -0.85
CA LYS D 185 -22.62 -2.21 0.19
C LYS D 185 -21.84 -2.86 1.31
N ILE D 186 -20.52 -2.70 1.28
CA ILE D 186 -19.67 -3.30 2.30
C ILE D 186 -19.50 -2.35 3.47
N TYR D 187 -19.83 -2.82 4.67
CA TYR D 187 -19.73 -2.00 5.86
C TYR D 187 -19.26 -2.80 7.07
N VAL D 188 -18.62 -2.09 7.99
CA VAL D 188 -18.15 -2.71 9.23
C VAL D 188 -19.25 -2.44 10.24
N ILE D 189 -20.11 -3.42 10.48
CA ILE D 189 -21.19 -3.26 11.42
C ILE D 189 -21.06 -4.22 12.58
N GLU D 190 -21.14 -3.69 13.81
CA GLU D 190 -21.04 -4.55 15.00
C GLU D 190 -22.37 -4.59 15.74
N GLY D 191 -23.06 -3.46 15.73
CA GLY D 191 -24.35 -3.35 16.40
C GLY D 191 -25.37 -2.48 15.69
#